data_1QBA
#
_entry.id   1QBA
#
_cell.length_a   110.700
_cell.length_b   99.900
_cell.length_c   87.700
_cell.angle_alpha   90.00
_cell.angle_beta   90.00
_cell.angle_gamma   90.00
#
_symmetry.space_group_name_H-M   'P 21 21 2'
#
loop_
_entity.id
_entity.type
_entity.pdbx_description
1 polymer CHITOBIASE
2 non-polymer 'SULFATE ION'
3 water water
#
_entity_poly.entity_id   1
_entity_poly.type   'polypeptide(L)'
_entity_poly.pdbx_seq_one_letter_code
;DQQLVDQLSQLKLNVKMLDNRAGENGVDCAALGADWASCNRVLFTLSNDGQAIDGKDWVIYFHSPRQTLRVDNDQFKIAH
LTGDLYKLEPTAKFSGFPAGKAVEIPVVAEYWQLFRNDFLPRWYATSGDAKPKMLANTDTENLDQFVAPFTGDQWKRTKD
DKNILMTPASRFVSNADLQTLPAGALRGKIVPTPMQVKVHAQDADLRKGVALDLSTLVKPAADVVSQRFALLGVPVQTNG
YPIKTDIQPGKFKGAMAVSGAYELKIGKKEAQVIGFDQAGVFYGLQSILSLVPSDGSGKIATLDASDAPRFPYRGIFLDV
ARNFHKKDAVLRLLDQMAAYKLNKFHFHLSDDEGWRIEIPGLPELTEVGGQRCHDLSETTCLLPQYGQGPDVYGGFFSRQ
DYIDIIKYAQARQIEVIPEIDMPAHARAAVVSMEARYKKLHAAGKEQEANEFRLVDPTDTSNTTSVQFFNRQSYLNPCLD
SSQRFVDKVIGEIAQMHKEAGQPIKTWHFGGDEAKNIRLGAGYTDKAKPEPGKGIIDQGNEDKPWAKSQVCQTMIKEGKV
ADMEHLPSYFGQEVSKLVKAHGIDRMQAWQDGLKDAESSKAFATSRVGVNFWDTLYWGGFDSVNDWANKGYEVVVSNPDY
VYMDFPYEVNPDERGYYWGTRFSDERKVFSFAPDNMPQNAETSVDRDGNHFNAKSDKPWPGAYGLSAQLWSETQRTDPQM
EYMIFPRALSVAERSWHRAGWEQDYRAGREYKGGETHFVDTQALEKDWLRFANILGQRELAKLDKGGVAYRLPVPGARVA
GGKLEANIALPGLGIEYSTDGGKQWQRYDAKAKPAVSGEVQVRSVSPDGKRYSRAEKV
;
_entity_poly.pdbx_strand_id   A
#
loop_
_chem_comp.id
_chem_comp.type
_chem_comp.name
_chem_comp.formula
SO4 non-polymer 'SULFATE ION' 'O4 S -2'
#
# COMPACT_ATOMS: atom_id res chain seq x y z
N ASP A 1 38.28 11.89 8.90
CA ASP A 1 37.90 13.25 9.33
C ASP A 1 36.92 13.88 8.34
N GLN A 2 36.66 15.19 8.55
CA GLN A 2 35.73 15.92 7.72
C GLN A 2 36.14 16.05 6.28
N GLN A 3 37.44 16.23 6.02
CA GLN A 3 37.97 16.33 4.68
C GLN A 3 37.69 15.06 3.87
N LEU A 4 37.85 13.95 4.52
CA LEU A 4 37.63 12.65 3.89
C LEU A 4 36.16 12.51 3.54
N VAL A 5 35.29 12.81 4.50
CA VAL A 5 33.85 12.76 4.21
C VAL A 5 33.51 13.75 3.09
N ASP A 6 34.06 14.92 3.06
CA ASP A 6 33.77 15.91 2.02
C ASP A 6 34.20 15.41 0.64
N GLN A 7 35.35 14.74 0.59
CA GLN A 7 35.81 14.11 -0.64
C GLN A 7 34.87 13.00 -1.15
N LEU A 8 34.46 12.11 -0.27
CA LEU A 8 33.58 11.01 -0.60
C LEU A 8 32.18 11.47 -1.07
N SER A 9 31.74 12.61 -0.48
CA SER A 9 30.42 13.17 -0.77
C SER A 9 30.33 13.64 -2.22
N GLN A 10 31.48 13.89 -2.85
CA GLN A 10 31.58 14.36 -4.20
C GLN A 10 31.79 13.24 -5.20
N LEU A 11 31.84 12.02 -4.75
CA LEU A 11 31.83 10.86 -5.66
C LEU A 11 30.41 10.79 -6.27
N LYS A 12 30.40 10.45 -7.55
CA LYS A 12 29.17 10.28 -8.31
C LYS A 12 28.91 8.76 -8.48
N LEU A 13 27.74 8.38 -7.99
CA LEU A 13 27.33 6.99 -8.07
C LEU A 13 26.57 6.72 -9.35
N ASN A 14 26.76 5.57 -9.93
CA ASN A 14 25.98 5.04 -11.03
C ASN A 14 25.69 3.54 -10.68
N VAL A 15 24.42 3.19 -10.79
CA VAL A 15 23.96 1.84 -10.55
C VAL A 15 23.44 1.24 -11.87
N LYS A 16 23.98 0.07 -12.17
CA LYS A 16 23.59 -0.63 -13.37
C LYS A 16 23.32 -2.12 -13.13
N MET A 17 22.13 -2.54 -13.51
CA MET A 17 21.76 -3.95 -13.44
C MET A 17 22.61 -4.72 -14.49
N LEU A 18 23.21 -5.80 -14.10
CA LEU A 18 24.04 -6.64 -14.97
C LEU A 18 23.29 -7.93 -15.35
N ASP A 19 22.70 -8.63 -14.39
CA ASP A 19 22.02 -9.87 -14.66
C ASP A 19 21.00 -10.16 -13.57
N ASN A 20 19.72 -10.15 -13.94
CA ASN A 20 18.70 -10.40 -12.92
C ASN A 20 18.49 -11.88 -12.64
N ARG A 21 19.17 -12.71 -13.44
CA ARG A 21 19.02 -14.17 -13.33
C ARG A 21 20.39 -14.81 -13.30
N ALA A 22 21.23 -14.36 -12.38
CA ALA A 22 22.61 -14.77 -12.33
C ALA A 22 22.76 -16.27 -12.07
N GLY A 23 21.81 -16.84 -11.38
CA GLY A 23 21.72 -18.23 -11.07
C GLY A 23 21.51 -19.09 -12.32
N GLU A 24 20.88 -18.54 -13.34
CA GLU A 24 20.72 -19.17 -14.63
C GLU A 24 21.99 -19.07 -15.47
N ASN A 25 22.90 -18.16 -15.17
CA ASN A 25 24.07 -17.87 -15.92
C ASN A 25 25.42 -18.13 -15.30
N GLY A 26 25.52 -19.18 -14.50
CA GLY A 26 26.73 -19.55 -13.87
C GLY A 26 27.07 -19.14 -12.49
N VAL A 27 26.29 -18.29 -11.81
CA VAL A 27 26.63 -17.96 -10.41
C VAL A 27 25.94 -19.01 -9.52
N ASP A 28 26.67 -19.53 -8.53
CA ASP A 28 26.13 -20.48 -7.55
C ASP A 28 25.49 -19.68 -6.38
N CYS A 29 24.24 -19.29 -6.60
CA CYS A 29 23.49 -18.47 -5.65
C CYS A 29 23.26 -19.25 -4.36
N ALA A 30 23.04 -20.57 -4.51
CA ALA A 30 22.83 -21.44 -3.37
C ALA A 30 24.00 -21.34 -2.40
N ALA A 31 25.23 -21.45 -2.96
CA ALA A 31 26.41 -21.36 -2.12
C ALA A 31 26.51 -20.00 -1.45
N LEU A 32 25.96 -18.95 -2.02
CA LEU A 32 25.99 -17.63 -1.44
C LEU A 32 24.91 -17.41 -0.41
N GLY A 33 24.03 -18.37 -0.17
CA GLY A 33 22.99 -18.37 0.78
C GLY A 33 21.71 -17.71 0.31
N ALA A 34 21.49 -17.65 -1.00
CA ALA A 34 20.33 -17.00 -1.58
C ALA A 34 19.08 -17.86 -1.48
N ASP A 35 18.00 -17.28 -0.99
CA ASP A 35 16.73 -17.96 -0.90
C ASP A 35 16.37 -18.54 -2.26
N TRP A 36 16.03 -19.84 -2.24
CA TRP A 36 15.72 -20.58 -3.43
C TRP A 36 16.79 -20.45 -4.51
N ALA A 37 18.03 -20.32 -4.17
CA ALA A 37 19.13 -20.19 -5.06
C ALA A 37 18.88 -19.15 -6.13
N SER A 38 18.29 -18.01 -5.80
CA SER A 38 18.02 -16.92 -6.73
C SER A 38 18.84 -15.69 -6.39
N CYS A 39 19.60 -15.18 -7.38
CA CYS A 39 20.45 -14.02 -7.16
C CYS A 39 20.71 -13.24 -8.42
N ASN A 40 21.12 -11.98 -8.30
CA ASN A 40 21.32 -11.05 -9.36
C ASN A 40 22.65 -10.34 -9.22
N ARG A 41 23.20 -9.87 -10.32
CA ARG A 41 24.47 -9.16 -10.34
C ARG A 41 24.25 -7.71 -10.77
N VAL A 42 24.73 -6.80 -9.93
CA VAL A 42 24.59 -5.37 -10.14
C VAL A 42 25.97 -4.72 -10.13
N LEU A 43 26.13 -3.62 -10.88
CA LEU A 43 27.36 -2.89 -10.86
C LEU A 43 27.20 -1.54 -10.18
N PHE A 44 28.00 -1.30 -9.16
CA PHE A 44 28.10 0.04 -8.58
C PHE A 44 29.36 0.73 -9.12
N THR A 45 29.20 1.89 -9.74
CA THR A 45 30.33 2.68 -10.22
C THR A 45 30.44 4.01 -9.45
N LEU A 46 31.61 4.29 -8.89
CA LEU A 46 31.87 5.51 -8.15
C LEU A 46 32.94 6.30 -8.92
N SER A 47 32.52 7.44 -9.46
CA SER A 47 33.41 8.29 -10.24
C SER A 47 33.91 9.48 -9.45
N ASN A 48 35.19 9.76 -9.59
CA ASN A 48 35.90 10.82 -8.88
C ASN A 48 36.38 11.90 -9.83
N ASP A 49 35.80 13.09 -9.74
CA ASP A 49 36.21 14.21 -10.61
C ASP A 49 37.18 15.10 -9.86
N GLY A 50 37.56 14.70 -8.68
CA GLY A 50 38.49 15.49 -7.90
C GLY A 50 39.84 14.74 -7.80
N GLN A 51 40.62 15.22 -6.82
CA GLN A 51 41.91 14.61 -6.52
C GLN A 51 41.72 13.27 -5.85
N ALA A 52 42.78 12.47 -5.85
CA ALA A 52 42.76 11.15 -5.30
C ALA A 52 42.26 11.11 -3.85
N ILE A 53 41.48 10.11 -3.55
CA ILE A 53 40.95 9.90 -2.21
C ILE A 53 41.64 8.59 -1.70
N ASP A 54 42.58 8.84 -0.82
CA ASP A 54 43.46 7.78 -0.33
C ASP A 54 43.22 7.41 1.10
N GLY A 55 42.42 8.17 1.86
CA GLY A 55 42.14 7.74 3.24
C GLY A 55 41.39 6.41 3.29
N LYS A 56 41.57 5.66 4.38
CA LYS A 56 40.92 4.42 4.63
C LYS A 56 39.94 4.43 5.81
N ASP A 57 39.91 5.53 6.56
CA ASP A 57 39.08 5.62 7.76
C ASP A 57 37.69 6.14 7.39
N TRP A 58 36.96 5.33 6.63
CA TRP A 58 35.65 5.74 6.15
C TRP A 58 34.70 4.57 6.03
N VAL A 59 33.39 4.93 6.13
CA VAL A 59 32.31 3.97 5.87
C VAL A 59 31.28 4.70 4.95
N ILE A 60 30.87 4.07 3.89
CA ILE A 60 29.76 4.54 3.05
C ILE A 60 28.53 3.66 3.39
N TYR A 61 27.45 4.33 3.79
CA TYR A 61 26.20 3.70 4.10
C TYR A 61 25.19 3.84 2.93
N PHE A 62 24.46 2.74 2.67
CA PHE A 62 23.45 2.73 1.65
C PHE A 62 22.31 1.82 2.05
N HIS A 63 21.17 2.00 1.37
CA HIS A 63 20.00 1.19 1.61
C HIS A 63 19.70 0.30 0.40
N SER A 64 19.15 -0.84 0.73
CA SER A 64 18.66 -1.75 -0.30
C SER A 64 17.65 -2.72 0.28
N PRO A 65 16.59 -3.04 -0.45
CA PRO A 65 15.61 -4.02 -0.03
C PRO A 65 16.13 -5.46 -0.21
N ARG A 66 17.30 -5.63 -0.84
CA ARG A 66 17.97 -6.86 -1.08
C ARG A 66 19.29 -6.96 -0.28
N GLN A 67 19.56 -8.16 0.23
CA GLN A 67 20.79 -8.47 0.89
C GLN A 67 21.93 -8.65 -0.13
N THR A 68 23.07 -8.04 0.18
CA THR A 68 24.26 -8.22 -0.60
C THR A 68 24.91 -9.54 -0.21
N LEU A 69 25.21 -10.40 -1.14
CA LEU A 69 25.78 -11.70 -0.88
C LEU A 69 27.25 -11.85 -1.24
N ARG A 70 27.81 -11.03 -2.09
CA ARG A 70 29.18 -11.15 -2.56
C ARG A 70 29.61 -9.83 -3.19
N VAL A 71 30.86 -9.48 -2.98
CA VAL A 71 31.41 -8.24 -3.54
C VAL A 71 32.58 -8.69 -4.43
N ASP A 72 32.59 -8.29 -5.66
CA ASP A 72 33.55 -8.79 -6.64
C ASP A 72 34.69 -7.84 -6.99
N ASN A 73 34.99 -6.90 -6.14
CA ASN A 73 36.11 -6.01 -6.14
C ASN A 73 36.71 -6.13 -4.71
N ASP A 74 37.90 -6.76 -4.62
CA ASP A 74 38.49 -7.09 -3.33
C ASP A 74 39.08 -5.96 -2.54
N GLN A 75 39.04 -4.76 -3.07
CA GLN A 75 39.38 -3.56 -2.37
C GLN A 75 38.23 -3.09 -1.43
N PHE A 76 37.07 -3.71 -1.57
CA PHE A 76 35.90 -3.32 -0.79
C PHE A 76 35.20 -4.49 -0.18
N LYS A 77 34.41 -4.17 0.85
CA LYS A 77 33.58 -5.17 1.49
C LYS A 77 32.24 -4.49 1.91
N ILE A 78 31.20 -5.33 1.93
CA ILE A 78 29.86 -4.81 2.32
C ILE A 78 29.32 -5.60 3.47
N ALA A 79 28.83 -4.99 4.53
CA ALA A 79 28.27 -5.68 5.69
C ALA A 79 26.85 -5.08 5.95
N HIS A 80 26.01 -5.90 6.52
CA HIS A 80 24.66 -5.50 6.88
C HIS A 80 24.67 -4.91 8.28
N LEU A 81 23.99 -3.81 8.50
CA LEU A 81 23.78 -3.30 9.85
C LEU A 81 22.48 -3.92 10.35
N THR A 82 21.32 -3.42 10.03
CA THR A 82 20.03 -3.97 10.35
C THR A 82 18.99 -3.35 9.43
N GLY A 83 17.96 -4.12 9.17
CA GLY A 83 16.89 -3.63 8.24
C GLY A 83 17.51 -3.53 6.85
N ASP A 84 17.26 -2.45 6.16
CA ASP A 84 17.71 -2.18 4.84
C ASP A 84 19.05 -1.43 4.73
N LEU A 85 19.71 -1.26 5.86
CA LEU A 85 20.93 -0.50 5.98
C LEU A 85 22.21 -1.37 5.95
N TYR A 86 23.08 -1.02 4.97
CA TYR A 86 24.30 -1.72 4.70
C TYR A 86 25.46 -0.75 4.71
N LYS A 87 26.66 -1.33 4.86
CA LYS A 87 27.84 -0.46 4.79
C LYS A 87 28.90 -1.02 3.85
N LEU A 88 29.42 -0.08 3.08
CA LEU A 88 30.52 -0.30 2.13
C LEU A 88 31.79 0.24 2.77
N GLU A 89 32.80 -0.63 2.90
CA GLU A 89 34.08 -0.23 3.49
C GLU A 89 35.26 -0.74 2.63
N PRO A 90 36.37 -0.08 2.83
CA PRO A 90 37.62 -0.48 2.19
C PRO A 90 38.18 -1.69 2.89
N THR A 91 38.82 -2.57 2.17
CA THR A 91 39.56 -3.67 2.78
C THR A 91 41.02 -3.24 2.88
N ALA A 92 41.86 -4.12 3.37
CA ALA A 92 43.33 -3.85 3.39
C ALA A 92 43.94 -3.69 2.03
N LYS A 93 43.34 -4.19 0.97
CA LYS A 93 43.77 -4.06 -0.39
C LYS A 93 43.38 -2.73 -1.04
N PHE A 94 42.56 -1.91 -0.36
CA PHE A 94 42.08 -0.64 -0.90
C PHE A 94 43.29 0.27 -1.22
N SER A 95 43.33 0.82 -2.41
CA SER A 95 44.44 1.67 -2.82
C SER A 95 44.02 3.06 -3.28
N GLY A 96 42.80 3.45 -2.95
CA GLY A 96 42.26 4.74 -3.17
C GLY A 96 41.31 4.92 -4.30
N PHE A 97 40.58 6.04 -4.31
CA PHE A 97 39.78 6.45 -5.45
C PHE A 97 40.67 7.45 -6.23
N PRO A 98 41.16 6.98 -7.36
CA PRO A 98 42.05 7.75 -8.19
C PRO A 98 41.35 8.98 -8.73
N ALA A 99 42.27 9.99 -8.93
CA ALA A 99 41.86 11.27 -9.45
C ALA A 99 41.30 11.13 -10.82
N GLY A 100 40.15 11.62 -11.12
CA GLY A 100 39.52 11.59 -12.39
C GLY A 100 39.10 10.26 -12.92
N LYS A 101 39.02 9.20 -12.14
CA LYS A 101 38.65 7.90 -12.64
C LYS A 101 37.39 7.35 -11.91
N ALA A 102 36.91 6.29 -12.49
CA ALA A 102 35.79 5.54 -11.95
C ALA A 102 36.30 4.22 -11.39
N VAL A 103 35.73 3.86 -10.27
CA VAL A 103 36.00 2.58 -9.62
C VAL A 103 34.72 1.77 -9.77
N GLU A 104 34.86 0.54 -10.19
CA GLU A 104 33.76 -0.36 -10.39
C GLU A 104 33.69 -1.44 -9.32
N ILE A 105 32.50 -1.55 -8.73
CA ILE A 105 32.26 -2.53 -7.67
C ILE A 105 31.03 -3.37 -7.99
N PRO A 106 31.25 -4.52 -8.60
CA PRO A 106 30.20 -5.46 -8.96
C PRO A 106 29.80 -6.24 -7.71
N VAL A 107 28.50 -6.44 -7.50
CA VAL A 107 28.06 -7.17 -6.34
C VAL A 107 27.02 -8.22 -6.76
N VAL A 108 26.83 -9.21 -5.93
CA VAL A 108 25.76 -10.20 -6.10
C VAL A 108 24.74 -9.98 -4.98
N ALA A 109 23.48 -9.83 -5.31
CA ALA A 109 22.42 -9.60 -4.36
C ALA A 109 21.41 -10.75 -4.40
N GLU A 110 20.66 -10.96 -3.31
CA GLU A 110 19.63 -11.96 -3.24
C GLU A 110 18.42 -11.61 -4.14
N TYR A 111 17.73 -12.61 -4.64
CA TYR A 111 16.57 -12.51 -5.46
C TYR A 111 16.84 -11.85 -6.82
N TRP A 112 16.12 -10.84 -7.17
CA TRP A 112 16.06 -10.10 -8.40
C TRP A 112 15.67 -8.65 -8.13
N GLN A 113 15.96 -7.76 -9.00
CA GLN A 113 15.59 -6.35 -8.90
C GLN A 113 15.02 -5.91 -10.23
N LEU A 114 13.72 -6.15 -10.41
CA LEU A 114 13.05 -6.01 -11.68
C LEU A 114 12.58 -4.62 -12.06
N PHE A 115 12.51 -3.71 -11.10
CA PHE A 115 12.12 -2.32 -11.25
C PHE A 115 13.22 -1.42 -10.74
N ARG A 116 13.49 -0.33 -11.46
CA ARG A 116 14.50 0.64 -11.06
C ARG A 116 14.24 1.24 -9.69
N ASN A 117 13.03 1.26 -9.22
CA ASN A 117 12.55 1.68 -7.94
C ASN A 117 13.14 0.86 -6.78
N ASP A 118 13.69 -0.31 -7.07
CA ASP A 118 14.35 -1.20 -6.15
C ASP A 118 15.61 -0.56 -5.57
N PHE A 119 16.20 0.36 -6.34
CA PHE A 119 17.41 1.07 -5.96
C PHE A 119 17.03 2.38 -5.26
N LEU A 120 17.57 2.51 -4.04
CA LEU A 120 17.26 3.60 -3.16
C LEU A 120 18.26 4.71 -3.18
N PRO A 121 17.80 5.94 -3.06
CA PRO A 121 18.60 7.14 -3.07
C PRO A 121 19.34 7.37 -1.76
N ARG A 122 20.13 8.43 -1.67
CA ARG A 122 20.73 8.97 -0.49
C ARG A 122 21.70 8.10 0.27
N TRP A 123 22.73 7.67 -0.50
CA TRP A 123 23.96 7.06 -0.01
C TRP A 123 24.67 8.16 0.80
N TYR A 124 25.42 7.79 1.84
CA TYR A 124 26.07 8.82 2.64
C TYR A 124 27.37 8.29 3.17
N ALA A 125 28.29 9.17 3.47
CA ALA A 125 29.62 8.83 3.93
C ALA A 125 29.86 9.33 5.37
N THR A 126 30.65 8.58 6.09
CA THR A 126 31.05 8.88 7.41
C THR A 126 32.56 8.63 7.56
N SER A 127 33.13 9.23 8.59
CA SER A 127 34.56 9.03 8.88
C SER A 127 34.84 9.53 10.30
N GLY A 128 35.44 8.76 11.13
CA GLY A 128 35.80 9.14 12.48
C GLY A 128 34.96 10.28 13.04
N ASP A 129 35.58 11.45 13.11
CA ASP A 129 35.11 12.68 13.58
C ASP A 129 33.72 13.17 13.07
N ALA A 130 33.75 13.47 11.81
CA ALA A 130 32.92 14.03 10.93
C ALA A 130 31.44 13.75 11.03
N LYS A 131 30.67 14.75 10.60
CA LYS A 131 29.26 14.64 10.39
C LYS A 131 29.04 13.96 9.01
N PRO A 132 28.06 13.07 8.98
CA PRO A 132 27.70 12.36 7.74
C PRO A 132 27.24 13.31 6.66
N LYS A 133 27.65 13.05 5.42
CA LYS A 133 27.24 13.78 4.26
C LYS A 133 26.78 12.84 3.16
N MET A 134 25.71 13.17 2.46
CA MET A 134 25.28 12.33 1.36
C MET A 134 26.21 12.45 0.14
N LEU A 135 26.20 11.42 -0.68
CA LEU A 135 26.78 11.44 -2.03
C LEU A 135 25.74 12.26 -2.85
N ALA A 136 26.11 13.47 -3.17
CA ALA A 136 25.24 14.51 -3.69
C ALA A 136 24.40 14.12 -4.86
N ASN A 137 24.93 13.36 -5.82
CA ASN A 137 24.08 13.01 -6.98
C ASN A 137 22.98 12.03 -6.61
N THR A 138 23.02 11.40 -5.44
CA THR A 138 22.02 10.46 -5.03
C THR A 138 20.94 11.10 -4.19
N ASP A 139 21.10 12.37 -3.87
CA ASP A 139 20.16 13.08 -3.02
C ASP A 139 19.01 13.58 -3.91
N THR A 140 18.13 12.67 -4.23
CA THR A 140 17.08 12.95 -5.18
C THR A 140 16.01 11.86 -5.17
N GLU A 141 14.82 12.27 -5.65
CA GLU A 141 13.80 11.28 -5.93
C GLU A 141 13.85 10.87 -7.41
N ASN A 142 14.66 11.52 -8.23
CA ASN A 142 14.77 11.19 -9.65
C ASN A 142 15.85 10.15 -9.89
N LEU A 143 15.42 8.90 -10.01
CA LEU A 143 16.35 7.78 -10.15
C LEU A 143 17.20 7.88 -11.39
N ASP A 144 16.72 8.60 -12.40
CA ASP A 144 17.53 8.80 -13.60
C ASP A 144 18.87 9.44 -13.31
N GLN A 145 19.00 10.13 -12.17
CA GLN A 145 20.24 10.73 -11.79
C GLN A 145 21.29 9.71 -11.43
N PHE A 146 20.93 8.49 -10.99
CA PHE A 146 22.00 7.57 -10.59
C PHE A 146 21.75 6.17 -11.00
N VAL A 147 20.59 5.83 -11.58
CA VAL A 147 20.27 4.45 -11.94
C VAL A 147 20.14 4.36 -13.45
N ALA A 148 20.92 3.50 -14.07
CA ALA A 148 20.85 3.32 -15.50
C ALA A 148 19.52 2.71 -15.89
N PRO A 149 19.08 2.99 -17.12
CA PRO A 149 17.91 2.39 -17.72
C PRO A 149 18.05 0.88 -17.86
N PHE A 150 16.96 0.16 -17.73
CA PHE A 150 17.00 -1.29 -17.93
C PHE A 150 16.97 -1.52 -19.46
N THR A 151 17.61 -2.55 -19.90
CA THR A 151 17.69 -2.91 -21.31
C THR A 151 17.29 -4.37 -21.52
N GLY A 152 17.07 -4.73 -22.80
CA GLY A 152 16.76 -6.10 -23.13
C GLY A 152 15.68 -6.73 -22.26
N ASP A 153 15.97 -7.93 -21.77
CA ASP A 153 15.04 -8.70 -20.98
C ASP A 153 15.37 -8.64 -19.50
N GLN A 154 15.98 -7.57 -19.05
CA GLN A 154 16.31 -7.37 -17.65
C GLN A 154 15.11 -7.27 -16.73
N TRP A 155 13.92 -6.99 -17.24
CA TRP A 155 12.69 -6.96 -16.47
C TRP A 155 12.18 -8.33 -16.11
N LYS A 156 12.66 -9.40 -16.80
CA LYS A 156 12.19 -10.75 -16.56
C LYS A 156 12.71 -11.36 -15.25
N ARG A 157 11.83 -12.03 -14.52
CA ARG A 157 12.19 -12.67 -13.27
C ARG A 157 12.96 -13.98 -13.49
N THR A 158 12.51 -14.76 -14.46
CA THR A 158 13.05 -16.03 -14.89
C THR A 158 12.99 -16.06 -16.43
N LYS A 159 13.68 -17.06 -17.02
CA LYS A 159 13.69 -17.15 -18.47
C LYS A 159 12.29 -17.48 -19.00
N ASP A 160 11.42 -18.06 -18.16
CA ASP A 160 10.06 -18.40 -18.46
C ASP A 160 8.99 -17.35 -18.12
N ASP A 161 9.37 -16.17 -17.68
CA ASP A 161 8.43 -15.13 -17.32
C ASP A 161 7.52 -14.86 -18.51
N LYS A 162 6.24 -14.91 -18.29
CA LYS A 162 5.24 -14.66 -19.33
C LYS A 162 4.58 -13.31 -19.23
N ASN A 163 5.07 -12.46 -18.32
CA ASN A 163 4.48 -11.11 -18.24
C ASN A 163 4.78 -10.38 -19.56
N ILE A 164 3.97 -9.41 -19.86
CA ILE A 164 4.17 -8.61 -21.06
C ILE A 164 4.71 -7.23 -20.73
N LEU A 165 5.84 -6.92 -21.31
CA LEU A 165 6.45 -5.62 -21.16
C LEU A 165 5.59 -4.56 -21.88
N MET A 166 5.28 -3.49 -21.13
CA MET A 166 4.44 -2.42 -21.63
C MET A 166 5.27 -1.26 -22.15
N THR A 167 5.15 -1.02 -23.45
CA THR A 167 5.70 0.08 -24.24
C THR A 167 4.50 0.69 -24.99
N PRO A 168 4.60 1.81 -25.62
CA PRO A 168 3.47 2.41 -26.33
C PRO A 168 2.84 1.44 -27.27
N ALA A 169 3.63 0.68 -28.04
CA ALA A 169 3.12 -0.29 -28.99
C ALA A 169 2.43 -1.47 -28.41
N SER A 170 2.91 -2.08 -27.30
CA SER A 170 2.21 -3.21 -26.69
C SER A 170 1.05 -2.74 -25.83
N ARG A 171 1.17 -1.52 -25.27
CA ARG A 171 0.08 -0.90 -24.51
C ARG A 171 -1.12 -0.60 -25.42
N PHE A 172 -0.86 -0.16 -26.65
CA PHE A 172 -1.90 0.07 -27.66
C PHE A 172 -2.78 -1.16 -27.79
N VAL A 173 -2.18 -2.34 -27.86
CA VAL A 173 -2.86 -3.59 -27.93
C VAL A 173 -3.63 -3.91 -26.68
N SER A 174 -3.06 -3.70 -25.49
CA SER A 174 -3.81 -4.00 -24.28
C SER A 174 -5.02 -3.08 -24.17
N ASN A 175 -4.98 -1.89 -24.74
CA ASN A 175 -6.05 -0.92 -24.66
C ASN A 175 -7.00 -0.96 -25.86
N ALA A 176 -6.76 -1.83 -26.78
CA ALA A 176 -7.48 -1.72 -28.07
C ALA A 176 -8.95 -2.05 -28.00
N ASP A 177 -9.47 -2.69 -26.98
CA ASP A 177 -10.88 -2.99 -26.79
C ASP A 177 -11.67 -1.82 -26.19
N LEU A 178 -10.96 -0.79 -25.81
CA LEU A 178 -11.49 0.41 -25.25
C LEU A 178 -11.78 1.40 -26.40
N GLN A 179 -12.71 2.25 -26.20
CA GLN A 179 -13.10 3.30 -27.11
C GLN A 179 -13.74 4.42 -26.29
N THR A 180 -13.80 5.61 -26.84
CA THR A 180 -14.44 6.73 -26.19
C THR A 180 -15.93 6.69 -26.45
N LEU A 181 -16.71 6.67 -25.39
CA LEU A 181 -18.15 6.62 -25.47
C LEU A 181 -18.67 8.05 -25.57
N PRO A 182 -19.75 8.16 -26.33
CA PRO A 182 -20.44 9.43 -26.47
C PRO A 182 -20.99 9.81 -25.07
N ALA A 183 -20.98 11.07 -24.79
CA ALA A 183 -21.49 11.59 -23.50
C ALA A 183 -22.87 11.06 -23.16
N GLY A 184 -23.73 10.88 -24.15
CA GLY A 184 -25.05 10.33 -23.97
C GLY A 184 -25.11 9.02 -23.27
N ALA A 185 -24.10 8.15 -23.47
CA ALA A 185 -24.06 6.84 -22.84
C ALA A 185 -23.70 6.88 -21.37
N LEU A 186 -23.23 8.00 -20.86
CA LEU A 186 -22.77 8.14 -19.48
C LEU A 186 -23.75 8.91 -18.61
N ARG A 187 -24.90 9.21 -19.26
CA ARG A 187 -26.01 9.85 -18.62
C ARG A 187 -26.60 9.02 -17.49
N GLY A 188 -26.76 9.63 -16.30
CA GLY A 188 -27.34 8.96 -15.18
C GLY A 188 -26.51 7.86 -14.56
N LYS A 189 -25.18 7.89 -14.79
CA LYS A 189 -24.29 6.85 -14.27
C LYS A 189 -23.56 7.33 -12.98
N ILE A 190 -24.08 6.77 -11.89
CA ILE A 190 -23.56 7.02 -10.55
C ILE A 190 -22.41 6.04 -10.30
N VAL A 191 -21.36 6.51 -9.59
CA VAL A 191 -20.26 5.65 -9.17
C VAL A 191 -20.09 5.80 -7.65
N PRO A 192 -20.03 4.74 -6.93
CA PRO A 192 -20.18 3.37 -7.34
C PRO A 192 -21.58 3.06 -7.89
N THR A 193 -21.67 2.07 -8.78
CA THR A 193 -22.97 1.68 -9.34
C THR A 193 -24.00 1.37 -8.27
N PRO A 194 -25.19 1.98 -8.36
CA PRO A 194 -26.28 1.73 -7.44
C PRO A 194 -26.92 0.37 -7.68
N MET A 195 -27.53 -0.20 -6.66
CA MET A 195 -28.17 -1.47 -6.76
C MET A 195 -29.27 -1.48 -7.87
N GLN A 196 -29.99 -0.42 -7.96
CA GLN A 196 -31.10 -0.33 -8.90
C GLN A 196 -31.27 1.11 -9.30
N VAL A 197 -31.36 1.37 -10.57
CA VAL A 197 -31.54 2.72 -11.08
C VAL A 197 -32.38 2.68 -12.37
N LYS A 198 -33.23 3.68 -12.46
CA LYS A 198 -34.04 3.93 -13.64
C LYS A 198 -33.84 5.39 -14.04
N VAL A 199 -33.19 5.60 -15.17
CA VAL A 199 -32.88 6.90 -15.71
C VAL A 199 -34.00 7.38 -16.66
N HIS A 200 -34.36 8.61 -16.47
CA HIS A 200 -35.43 9.22 -17.25
C HIS A 200 -34.83 10.17 -18.28
N ALA A 201 -35.66 10.59 -19.26
CA ALA A 201 -35.16 11.41 -20.36
C ALA A 201 -34.88 12.85 -20.03
N GLN A 202 -35.55 13.43 -19.07
CA GLN A 202 -35.34 14.82 -18.69
C GLN A 202 -34.08 14.96 -17.83
N ASP A 203 -33.54 16.15 -17.86
CA ASP A 203 -32.41 16.53 -17.04
C ASP A 203 -32.81 17.61 -16.02
N ALA A 204 -32.10 17.61 -14.89
CA ALA A 204 -32.28 18.62 -13.87
C ALA A 204 -31.16 19.64 -14.07
N ASP A 205 -31.49 20.90 -13.89
CA ASP A 205 -30.56 21.98 -14.12
C ASP A 205 -30.04 22.53 -12.79
N LEU A 206 -28.73 22.40 -12.56
CA LEU A 206 -28.15 22.86 -11.34
C LEU A 206 -27.31 24.13 -11.53
N ARG A 207 -27.39 24.79 -12.67
CA ARG A 207 -26.57 25.97 -12.93
C ARG A 207 -26.75 27.13 -12.00
N LYS A 208 -27.93 27.36 -11.50
CA LYS A 208 -28.19 28.49 -10.58
C LYS A 208 -28.08 28.09 -9.14
N GLY A 209 -27.62 26.83 -8.91
CA GLY A 209 -27.37 26.36 -7.57
C GLY A 209 -28.40 25.39 -7.04
N VAL A 210 -28.19 24.94 -5.80
CA VAL A 210 -29.03 24.03 -5.13
C VAL A 210 -29.41 24.62 -3.74
N ALA A 211 -30.61 24.23 -3.34
CA ALA A 211 -31.11 24.69 -2.03
C ALA A 211 -31.17 23.37 -1.23
N LEU A 212 -30.20 23.24 -0.32
CA LEU A 212 -30.04 21.98 0.39
C LEU A 212 -30.78 21.90 1.69
N ASP A 213 -31.55 20.86 1.93
CA ASP A 213 -32.19 20.56 3.17
C ASP A 213 -31.40 19.40 3.88
N LEU A 214 -30.42 19.88 4.67
CA LEU A 214 -29.53 18.97 5.38
C LEU A 214 -29.77 18.85 6.86
N SER A 215 -31.01 19.04 7.25
CA SER A 215 -31.56 18.99 8.56
C SER A 215 -31.39 17.62 9.21
N THR A 216 -31.32 16.60 8.37
CA THR A 216 -31.14 15.23 8.76
C THR A 216 -29.71 14.94 9.21
N LEU A 217 -28.76 15.76 8.92
CA LEU A 217 -27.36 15.53 9.22
C LEU A 217 -26.84 16.47 10.31
N VAL A 218 -25.89 15.96 11.07
CA VAL A 218 -25.16 16.78 12.05
C VAL A 218 -24.34 17.77 11.22
N LYS A 219 -24.15 18.96 11.79
CA LYS A 219 -23.55 20.06 11.09
C LYS A 219 -22.28 19.77 10.33
N PRO A 220 -21.32 19.10 10.93
CA PRO A 220 -20.04 18.80 10.31
C PRO A 220 -20.23 17.95 9.06
N ALA A 221 -21.15 17.01 9.11
CA ALA A 221 -21.49 16.18 7.95
C ALA A 221 -22.18 17.02 6.89
N ALA A 222 -23.05 17.94 7.25
CA ALA A 222 -23.75 18.83 6.31
C ALA A 222 -22.78 19.80 5.68
N ASP A 223 -21.80 20.29 6.44
CA ASP A 223 -20.78 21.17 5.93
C ASP A 223 -19.94 20.47 4.84
N VAL A 224 -19.66 19.20 5.05
CA VAL A 224 -18.90 18.43 4.04
C VAL A 224 -19.61 18.46 2.68
N VAL A 225 -20.90 18.18 2.70
CA VAL A 225 -21.71 18.15 1.47
C VAL A 225 -21.75 19.52 0.80
N SER A 226 -22.06 20.56 1.57
CA SER A 226 -22.14 21.89 1.03
C SER A 226 -20.86 22.33 0.35
N GLN A 227 -19.73 22.01 0.97
CA GLN A 227 -18.40 22.33 0.48
C GLN A 227 -18.16 21.59 -0.86
N ARG A 228 -18.58 20.35 -0.90
CA ARG A 228 -18.36 19.54 -2.09
C ARG A 228 -19.21 20.01 -3.26
N PHE A 229 -20.48 20.43 -3.00
CA PHE A 229 -21.22 21.03 -4.12
C PHE A 229 -20.44 22.21 -4.65
N ALA A 230 -20.01 23.10 -3.78
CA ALA A 230 -19.26 24.28 -4.20
C ALA A 230 -17.99 23.93 -4.94
N LEU A 231 -17.25 22.92 -4.47
CA LEU A 231 -16.03 22.51 -5.14
C LEU A 231 -16.27 22.15 -6.60
N LEU A 232 -17.36 21.47 -6.88
CA LEU A 232 -17.67 21.00 -8.25
C LEU A 232 -18.44 22.02 -9.07
N GLY A 233 -18.50 23.23 -8.53
CA GLY A 233 -19.06 24.37 -9.16
C GLY A 233 -20.55 24.59 -8.99
N VAL A 234 -21.22 23.96 -8.07
CA VAL A 234 -22.65 24.13 -7.84
C VAL A 234 -22.84 24.91 -6.51
N PRO A 235 -23.13 26.19 -6.70
CA PRO A 235 -23.38 27.10 -5.61
C PRO A 235 -24.64 26.66 -4.84
N VAL A 236 -24.55 26.92 -3.57
CA VAL A 236 -25.61 26.67 -2.62
C VAL A 236 -26.35 28.00 -2.40
N GLN A 237 -27.59 28.01 -2.80
CA GLN A 237 -28.40 29.25 -2.64
C GLN A 237 -29.83 28.85 -2.45
N THR A 238 -30.55 29.59 -1.62
CA THR A 238 -31.90 29.28 -1.19
C THR A 238 -32.91 29.15 -2.33
N ASN A 239 -32.65 29.85 -3.37
CA ASN A 239 -33.49 29.98 -4.59
C ASN A 239 -33.13 28.93 -5.62
N GLY A 240 -32.17 28.05 -5.31
CA GLY A 240 -31.76 27.01 -6.20
C GLY A 240 -32.69 25.79 -6.20
N TYR A 241 -32.24 24.80 -6.98
CA TYR A 241 -32.87 23.49 -7.12
C TYR A 241 -32.88 22.80 -5.74
N PRO A 242 -34.04 22.47 -5.25
CA PRO A 242 -34.25 21.94 -3.96
C PRO A 242 -33.92 20.47 -3.88
N ILE A 243 -33.09 20.22 -2.84
CA ILE A 243 -32.72 18.83 -2.56
C ILE A 243 -33.16 18.56 -1.10
N LYS A 244 -34.14 17.73 -0.99
CA LYS A 244 -34.71 17.37 0.28
C LYS A 244 -34.22 16.05 0.82
N THR A 245 -34.08 15.99 2.15
CA THR A 245 -33.59 14.81 2.83
C THR A 245 -34.49 14.37 3.97
N ASP A 246 -34.51 13.11 4.23
CA ASP A 246 -35.25 12.47 5.28
C ASP A 246 -34.60 11.13 5.65
N ILE A 247 -34.76 10.75 6.89
CA ILE A 247 -34.36 9.45 7.43
C ILE A 247 -35.58 8.64 7.78
N GLN A 248 -35.83 7.50 7.23
CA GLN A 248 -36.93 6.62 7.42
C GLN A 248 -36.52 5.16 7.42
N PRO A 249 -36.01 4.66 8.51
CA PRO A 249 -35.55 3.28 8.69
C PRO A 249 -36.56 2.23 8.37
N GLY A 250 -37.85 2.51 8.69
CA GLY A 250 -38.98 1.69 8.42
C GLY A 250 -39.30 1.41 6.99
N LYS A 251 -38.86 2.17 5.99
CA LYS A 251 -39.06 1.87 4.59
C LYS A 251 -38.12 0.81 4.05
N PHE A 252 -37.14 0.36 4.86
CA PHE A 252 -36.15 -0.58 4.37
C PHE A 252 -36.34 -1.92 5.02
N LYS A 253 -36.22 -2.98 4.20
CA LYS A 253 -36.37 -4.33 4.68
C LYS A 253 -35.25 -5.26 4.24
N GLY A 254 -35.07 -6.32 5.03
CA GLY A 254 -34.11 -7.35 4.88
C GLY A 254 -32.66 -6.92 4.81
N ALA A 255 -32.02 -7.22 3.65
CA ALA A 255 -30.60 -6.88 3.51
C ALA A 255 -30.39 -5.50 2.94
N MET A 256 -31.46 -4.79 2.64
CA MET A 256 -31.38 -3.40 2.28
C MET A 256 -31.52 -2.51 3.56
N ALA A 257 -31.88 -3.17 4.66
CA ALA A 257 -32.08 -2.46 5.95
C ALA A 257 -30.76 -2.52 6.71
N VAL A 258 -29.81 -1.73 6.14
CA VAL A 258 -28.45 -1.60 6.63
C VAL A 258 -27.96 -0.17 6.50
N SER A 259 -26.96 0.16 7.38
CA SER A 259 -26.40 1.50 7.33
C SER A 259 -25.86 1.85 5.93
N GLY A 260 -26.19 3.05 5.48
CA GLY A 260 -25.76 3.56 4.22
C GLY A 260 -26.77 3.34 3.09
N ALA A 261 -27.84 2.62 3.36
CA ALA A 261 -28.90 2.42 2.33
C ALA A 261 -29.67 3.69 2.11
N TYR A 262 -30.17 3.95 0.92
CA TYR A 262 -30.93 5.15 0.61
C TYR A 262 -31.81 4.93 -0.62
N GLU A 263 -32.81 5.75 -0.75
CA GLU A 263 -33.65 5.92 -1.90
C GLU A 263 -33.42 7.35 -2.43
N LEU A 264 -33.23 7.41 -3.72
CA LEU A 264 -32.93 8.63 -4.39
C LEU A 264 -33.92 8.89 -5.56
N LYS A 265 -34.40 10.10 -5.54
CA LYS A 265 -35.33 10.57 -6.58
C LYS A 265 -34.87 11.92 -7.07
N ILE A 266 -34.44 11.93 -8.35
CA ILE A 266 -34.00 13.15 -9.00
C ILE A 266 -35.07 13.52 -10.07
N GLY A 267 -35.74 14.64 -9.74
CA GLY A 267 -36.78 15.11 -10.67
C GLY A 267 -36.38 16.38 -11.35
N LYS A 268 -37.21 16.80 -12.34
CA LYS A 268 -36.91 18.05 -13.05
C LYS A 268 -36.95 19.26 -12.16
N LYS A 269 -37.79 19.28 -11.12
CA LYS A 269 -37.92 20.43 -10.24
C LYS A 269 -37.34 20.29 -8.87
N GLU A 270 -37.11 19.07 -8.40
CA GLU A 270 -36.55 18.85 -7.09
C GLU A 270 -36.04 17.40 -6.95
N ALA A 271 -35.15 17.31 -5.93
CA ALA A 271 -34.62 15.98 -5.63
C ALA A 271 -34.94 15.65 -4.17
N GLN A 272 -35.02 14.35 -3.94
CA GLN A 272 -35.29 13.83 -2.62
C GLN A 272 -34.42 12.61 -2.28
N VAL A 273 -33.73 12.68 -1.13
CA VAL A 273 -32.98 11.56 -0.58
C VAL A 273 -33.63 11.03 0.71
N ILE A 274 -33.95 9.76 0.75
CA ILE A 274 -34.46 9.12 1.93
C ILE A 274 -33.45 8.06 2.41
N GLY A 275 -32.81 8.34 3.54
CA GLY A 275 -31.84 7.39 4.03
C GLY A 275 -32.37 6.47 5.07
N PHE A 276 -31.75 5.32 5.24
CA PHE A 276 -32.01 4.42 6.34
C PHE A 276 -31.50 5.10 7.65
N ASP A 277 -30.42 5.84 7.52
CA ASP A 277 -29.69 6.54 8.56
C ASP A 277 -28.96 7.73 8.02
N GLN A 278 -28.19 8.46 8.83
CA GLN A 278 -27.41 9.57 8.38
C GLN A 278 -26.38 9.17 7.31
N ALA A 279 -25.75 8.03 7.46
CA ALA A 279 -24.79 7.59 6.43
C ALA A 279 -25.50 7.49 5.09
N GLY A 280 -26.67 6.91 5.13
CA GLY A 280 -27.55 6.75 3.99
C GLY A 280 -27.95 8.03 3.34
N VAL A 281 -28.31 9.06 4.08
CA VAL A 281 -28.60 10.36 3.52
C VAL A 281 -27.32 10.92 2.88
N PHE A 282 -26.19 10.86 3.63
CA PHE A 282 -24.90 11.31 3.15
C PHE A 282 -24.49 10.62 1.83
N TYR A 283 -24.66 9.35 1.69
CA TYR A 283 -24.38 8.61 0.49
C TYR A 283 -25.29 8.96 -0.66
N GLY A 284 -26.58 9.22 -0.44
CA GLY A 284 -27.49 9.63 -1.50
C GLY A 284 -27.04 10.96 -2.04
N LEU A 285 -26.54 11.86 -1.21
CA LEU A 285 -26.01 13.13 -1.61
C LEU A 285 -24.70 13.00 -2.42
N GLN A 286 -23.82 12.11 -2.04
CA GLN A 286 -22.60 11.78 -2.78
C GLN A 286 -22.94 11.16 -4.15
N SER A 287 -24.03 10.45 -4.27
CA SER A 287 -24.52 9.95 -5.58
C SER A 287 -24.92 11.08 -6.50
N ILE A 288 -25.58 12.10 -5.99
CA ILE A 288 -25.94 13.27 -6.83
C ILE A 288 -24.69 13.98 -7.25
N LEU A 289 -23.75 14.16 -6.29
CA LEU A 289 -22.50 14.78 -6.58
C LEU A 289 -21.68 13.99 -7.61
N SER A 290 -21.80 12.68 -7.63
CA SER A 290 -21.10 11.86 -8.59
C SER A 290 -21.62 12.15 -10.03
N LEU A 291 -22.88 12.53 -10.13
CA LEU A 291 -23.45 12.87 -11.44
C LEU A 291 -23.04 14.23 -11.94
N VAL A 292 -22.68 15.21 -11.13
CA VAL A 292 -22.24 16.51 -11.60
C VAL A 292 -21.07 16.38 -12.59
N PRO A 293 -21.28 16.94 -13.78
CA PRO A 293 -20.37 16.80 -14.89
C PRO A 293 -19.19 17.72 -14.70
N SER A 294 -18.15 17.38 -15.45
CA SER A 294 -16.90 18.12 -15.47
C SER A 294 -16.71 19.03 -16.65
N ASP A 295 -17.77 19.23 -17.42
CA ASP A 295 -17.83 20.12 -18.55
C ASP A 295 -18.47 21.46 -18.26
N GLY A 296 -18.85 21.77 -17.02
CA GLY A 296 -19.45 23.01 -16.62
C GLY A 296 -20.93 23.19 -16.87
N SER A 297 -21.59 22.28 -17.54
CA SER A 297 -22.94 22.24 -17.94
C SER A 297 -23.98 22.15 -16.82
N GLY A 298 -23.57 21.80 -15.62
CA GLY A 298 -24.45 21.75 -14.49
C GLY A 298 -25.74 20.98 -14.68
N LYS A 299 -25.85 20.08 -15.65
CA LYS A 299 -27.04 19.29 -15.82
C LYS A 299 -26.81 17.83 -15.46
N ILE A 300 -27.77 17.25 -14.78
CA ILE A 300 -27.73 15.86 -14.41
C ILE A 300 -29.05 15.21 -14.81
N ALA A 301 -29.03 13.88 -15.00
CA ALA A 301 -30.16 13.14 -15.38
C ALA A 301 -31.20 12.98 -14.27
N THR A 302 -32.47 13.06 -14.68
CA THR A 302 -33.52 12.66 -13.75
C THR A 302 -33.50 11.14 -13.72
N LEU A 303 -33.80 10.62 -12.52
CA LEU A 303 -33.76 9.21 -12.27
C LEU A 303 -34.36 8.85 -10.91
N ASP A 304 -34.60 7.57 -10.72
CA ASP A 304 -35.01 6.92 -9.53
C ASP A 304 -34.01 5.78 -9.24
N ALA A 305 -33.43 5.82 -8.03
CA ALA A 305 -32.50 4.76 -7.63
C ALA A 305 -32.79 4.27 -6.21
N SER A 306 -32.44 3.06 -5.92
CA SER A 306 -32.50 2.46 -4.62
C SER A 306 -31.14 1.71 -4.42
N ASP A 307 -30.52 2.00 -3.27
CA ASP A 307 -29.11 1.54 -3.12
C ASP A 307 -28.82 1.13 -1.68
N ALA A 308 -27.84 0.26 -1.53
CA ALA A 308 -27.34 -0.22 -0.26
C ALA A 308 -25.99 -0.91 -0.57
N PRO A 309 -25.09 -0.89 0.35
CA PRO A 309 -23.75 -1.46 0.13
C PRO A 309 -23.78 -2.96 0.13
N ARG A 310 -22.94 -3.65 -0.69
CA ARG A 310 -22.83 -5.08 -0.67
C ARG A 310 -22.10 -5.57 0.59
N PHE A 311 -21.20 -4.73 1.12
CA PHE A 311 -20.43 -5.09 2.30
C PHE A 311 -20.49 -3.92 3.31
N PRO A 312 -20.52 -4.22 4.60
CA PRO A 312 -20.49 -3.23 5.64
C PRO A 312 -19.10 -2.59 5.83
N TYR A 313 -18.05 -3.30 5.40
CA TYR A 313 -16.67 -2.91 5.51
C TYR A 313 -16.03 -2.71 4.12
N ARG A 314 -15.82 -1.42 3.85
CA ARG A 314 -15.25 -0.98 2.57
C ARG A 314 -14.06 -0.06 2.91
N GLY A 315 -12.86 -0.70 2.96
CA GLY A 315 -11.71 -0.10 3.50
C GLY A 315 -10.57 0.32 2.66
N ILE A 316 -9.80 1.29 3.18
CA ILE A 316 -8.52 1.74 2.71
C ILE A 316 -7.54 1.65 3.93
N PHE A 317 -6.44 1.01 3.72
CA PHE A 317 -5.35 0.89 4.69
C PHE A 317 -4.20 1.77 4.23
N LEU A 318 -3.66 2.50 5.23
CA LEU A 318 -2.55 3.36 5.03
C LEU A 318 -1.42 3.15 6.05
N ASP A 319 -0.25 2.87 5.55
CA ASP A 319 1.00 2.77 6.30
C ASP A 319 1.67 4.14 6.40
N VAL A 320 1.74 4.74 7.60
CA VAL A 320 2.42 5.99 7.85
C VAL A 320 3.73 5.75 8.65
N ALA A 321 4.00 4.46 8.95
CA ALA A 321 5.16 4.09 9.73
C ALA A 321 6.43 3.98 8.95
N ARG A 322 6.39 3.28 7.80
CA ARG A 322 7.56 3.09 6.97
C ARG A 322 8.10 4.41 6.51
N ASN A 323 7.22 5.25 6.05
CA ASN A 323 7.49 6.60 5.67
C ASN A 323 6.25 7.39 6.12
N PHE A 324 6.48 8.51 6.69
CA PHE A 324 5.41 9.35 7.18
C PHE A 324 4.70 10.06 6.05
N HIS A 325 3.38 10.28 6.31
CA HIS A 325 2.54 11.06 5.39
C HIS A 325 1.84 12.14 6.22
N LYS A 326 1.87 13.33 5.80
CA LYS A 326 1.35 14.46 6.55
C LYS A 326 -0.16 14.44 6.68
N LYS A 327 -0.56 15.19 7.76
CA LYS A 327 -1.98 15.30 8.08
C LYS A 327 -2.79 15.78 6.90
N ASP A 328 -2.32 16.74 6.14
CA ASP A 328 -3.03 17.24 4.96
C ASP A 328 -3.28 16.15 3.92
N ALA A 329 -2.31 15.22 3.74
CA ALA A 329 -2.46 14.14 2.78
C ALA A 329 -3.50 13.16 3.27
N VAL A 330 -3.47 12.88 4.57
CA VAL A 330 -4.48 12.03 5.17
C VAL A 330 -5.90 12.60 5.02
N LEU A 331 -6.06 13.91 5.22
CA LEU A 331 -7.37 14.54 5.03
C LEU A 331 -7.85 14.45 3.60
N ARG A 332 -6.97 14.72 2.61
CA ARG A 332 -7.34 14.59 1.19
C ARG A 332 -7.83 13.20 0.83
N LEU A 333 -7.18 12.17 1.40
CA LEU A 333 -7.56 10.79 1.24
C LEU A 333 -8.94 10.53 1.83
N LEU A 334 -9.24 11.06 3.00
CA LEU A 334 -10.56 10.90 3.62
C LEU A 334 -11.67 11.59 2.80
N ASP A 335 -11.37 12.73 2.21
CA ASP A 335 -12.35 13.38 1.32
C ASP A 335 -12.75 12.47 0.17
N GLN A 336 -11.73 11.92 -0.51
CA GLN A 336 -11.99 11.06 -1.68
C GLN A 336 -12.69 9.80 -1.28
N MET A 337 -12.32 9.20 -0.10
CA MET A 337 -12.98 8.04 0.36
C MET A 337 -14.50 8.30 0.48
N ALA A 338 -14.84 9.44 1.09
CA ALA A 338 -16.25 9.73 1.35
C ALA A 338 -17.01 9.92 0.02
N ALA A 339 -16.35 10.55 -0.92
CA ALA A 339 -16.91 10.77 -2.24
C ALA A 339 -17.30 9.49 -2.95
N TYR A 340 -16.60 8.39 -2.69
CA TYR A 340 -16.85 7.11 -3.35
C TYR A 340 -17.34 6.05 -2.42
N LYS A 341 -17.80 6.49 -1.21
CA LYS A 341 -18.48 5.74 -0.25
C LYS A 341 -17.67 4.68 0.50
N LEU A 342 -16.36 4.87 0.54
CA LEU A 342 -15.51 3.97 1.37
C LEU A 342 -15.65 4.46 2.84
N ASN A 343 -15.78 3.53 3.78
CA ASN A 343 -16.18 3.87 5.12
C ASN A 343 -15.29 3.40 6.23
N LYS A 344 -14.18 2.74 5.91
CA LYS A 344 -13.26 2.22 6.92
C LYS A 344 -11.84 2.67 6.57
N PHE A 345 -11.21 3.35 7.50
CA PHE A 345 -9.85 3.78 7.39
C PHE A 345 -8.98 3.04 8.44
N HIS A 346 -8.22 2.09 7.97
CA HIS A 346 -7.33 1.24 8.72
C HIS A 346 -5.95 1.91 8.76
N PHE A 347 -5.65 2.45 9.95
CA PHE A 347 -4.52 3.35 10.15
C PHE A 347 -3.33 2.67 10.80
N HIS A 348 -2.33 2.36 9.99
CA HIS A 348 -1.15 1.61 10.44
C HIS A 348 -0.13 2.59 10.98
N LEU A 349 -0.23 2.83 12.27
CA LEU A 349 0.46 3.86 13.00
C LEU A 349 1.85 3.53 13.49
N SER A 350 2.20 2.23 13.45
CA SER A 350 3.48 1.79 13.95
C SER A 350 3.97 0.58 13.19
N ASP A 351 5.28 0.47 13.16
CA ASP A 351 5.94 -0.70 12.54
C ASP A 351 7.39 -0.69 13.03
N ASP A 352 8.24 -1.36 12.31
CA ASP A 352 9.66 -1.39 12.70
C ASP A 352 10.33 -0.05 12.61
N GLU A 353 9.96 0.77 11.58
CA GLU A 353 10.73 1.93 11.23
C GLU A 353 10.19 3.26 11.69
N GLY A 354 9.10 3.21 12.47
CA GLY A 354 8.49 4.43 12.98
C GLY A 354 7.27 4.19 13.84
N TRP A 355 7.06 5.11 14.75
CA TRP A 355 5.93 5.17 15.67
C TRP A 355 5.34 6.57 15.52
N ARG A 356 4.04 6.63 15.10
CA ARG A 356 3.49 7.86 14.64
C ARG A 356 2.36 8.53 15.43
N ILE A 357 2.13 8.09 16.65
CA ILE A 357 1.05 8.62 17.48
C ILE A 357 1.59 8.97 18.88
N GLU A 358 1.42 10.23 19.25
CA GLU A 358 1.79 10.68 20.59
C GLU A 358 0.97 9.98 21.70
N ILE A 359 1.67 9.38 22.66
CA ILE A 359 1.05 8.67 23.76
C ILE A 359 1.44 9.33 25.11
N PRO A 360 0.44 9.93 25.72
CA PRO A 360 0.64 10.58 27.03
C PRO A 360 1.29 9.62 27.99
N GLY A 361 2.42 10.03 28.61
CA GLY A 361 3.13 9.20 29.56
C GLY A 361 4.22 8.32 29.00
N LEU A 362 4.32 8.22 27.67
CA LEU A 362 5.35 7.42 26.97
C LEU A 362 5.95 8.26 25.84
N PRO A 363 6.56 9.36 26.19
CA PRO A 363 7.13 10.30 25.26
C PRO A 363 8.17 9.68 24.36
N GLU A 364 9.00 8.75 24.82
CA GLU A 364 10.03 8.14 24.03
C GLU A 364 9.44 7.54 22.74
N LEU A 365 8.19 7.10 22.69
CA LEU A 365 7.61 6.48 21.50
C LEU A 365 7.68 7.40 20.29
N THR A 366 7.41 8.69 20.50
CA THR A 366 7.49 9.71 19.48
C THR A 366 8.81 10.46 19.43
N GLU A 367 9.44 10.70 20.60
CA GLU A 367 10.70 11.38 20.66
C GLU A 367 11.85 10.59 19.99
N VAL A 368 11.85 9.30 20.19
CA VAL A 368 12.80 8.38 19.59
C VAL A 368 12.09 7.67 18.42
N GLY A 369 11.01 6.99 18.64
CA GLY A 369 10.31 6.25 17.65
C GLY A 369 9.80 7.02 16.44
N GLY A 370 9.56 8.32 16.58
CA GLY A 370 9.05 9.18 15.55
C GLY A 370 10.05 9.73 14.59
N GLN A 371 11.38 9.39 14.79
CA GLN A 371 12.36 9.92 13.90
C GLN A 371 13.50 8.94 13.67
N ARG A 372 14.07 9.06 12.47
CA ARG A 372 15.21 8.26 12.08
C ARG A 372 16.37 9.19 11.80
N CYS A 373 17.56 8.77 12.20
CA CYS A 373 18.77 9.51 11.94
C CYS A 373 19.97 8.61 12.25
N HIS A 374 21.13 9.09 11.74
CA HIS A 374 22.34 8.28 11.91
C HIS A 374 22.84 8.40 13.36
N ASP A 375 22.32 7.59 14.22
CA ASP A 375 22.57 7.47 15.64
C ASP A 375 22.68 5.95 15.93
N LEU A 376 23.95 5.52 15.91
CA LEU A 376 24.23 4.09 16.08
C LEU A 376 23.84 3.59 17.44
N SER A 377 23.75 4.44 18.43
CA SER A 377 23.28 4.07 19.76
C SER A 377 21.75 4.00 19.85
N GLU A 378 21.00 4.55 18.90
CA GLU A 378 19.58 4.61 18.91
C GLU A 378 19.02 5.08 20.23
N THR A 379 19.63 6.16 20.71
CA THR A 379 19.17 6.83 21.91
C THR A 379 18.31 8.02 21.63
N THR A 380 18.42 8.64 20.44
CA THR A 380 17.72 9.84 20.06
C THR A 380 16.88 9.66 18.79
N CYS A 381 17.26 8.63 18.03
CA CYS A 381 16.64 8.22 16.80
C CYS A 381 16.72 6.69 16.59
N LEU A 382 15.83 6.21 15.72
CA LEU A 382 15.95 4.89 15.14
C LEU A 382 16.95 5.03 13.92
N LEU A 383 17.64 3.95 13.61
CA LEU A 383 18.58 3.98 12.48
C LEU A 383 17.84 4.30 11.19
N PRO A 384 18.52 4.98 10.31
CA PRO A 384 17.96 5.36 9.02
C PRO A 384 17.54 4.10 8.24
N GLN A 385 16.42 4.22 7.52
CA GLN A 385 15.88 3.25 6.63
C GLN A 385 15.24 3.96 5.41
N TYR A 386 15.14 3.28 4.30
CA TYR A 386 14.40 3.66 3.13
C TYR A 386 14.88 4.85 2.34
N GLY A 387 16.15 5.20 2.34
CA GLY A 387 16.72 6.22 1.50
C GLY A 387 16.20 7.64 1.73
N GLN A 388 16.08 8.03 2.99
CA GLN A 388 15.64 9.38 3.37
C GLN A 388 16.80 10.25 3.84
N GLY A 389 18.04 9.76 3.74
CA GLY A 389 19.21 10.48 4.16
C GLY A 389 19.58 10.17 5.61
N PRO A 390 20.75 10.63 6.02
CA PRO A 390 21.29 10.41 7.33
C PRO A 390 20.73 11.32 8.41
N ASP A 391 20.22 12.47 8.08
CA ASP A 391 19.73 13.49 9.01
C ASP A 391 18.33 13.13 9.50
N VAL A 392 17.90 13.79 10.56
CA VAL A 392 16.59 13.52 11.15
C VAL A 392 15.51 13.53 10.06
N TYR A 393 14.78 12.46 9.98
CA TYR A 393 13.68 12.24 9.11
C TYR A 393 12.55 11.60 9.97
N GLY A 394 11.38 12.27 9.91
CA GLY A 394 10.27 11.66 10.67
C GLY A 394 9.10 12.58 10.87
N GLY A 395 8.31 12.32 11.86
CA GLY A 395 7.08 13.04 12.12
C GLY A 395 6.15 12.07 12.85
N PHE A 396 5.13 12.65 13.45
CA PHE A 396 4.10 11.92 14.14
C PHE A 396 2.91 12.84 14.34
N PHE A 397 1.77 12.27 14.57
CA PHE A 397 0.54 12.93 14.87
C PHE A 397 0.51 13.17 16.38
N SER A 398 0.46 14.47 16.73
CA SER A 398 0.22 14.82 18.11
C SER A 398 -1.19 14.30 18.49
N ARG A 399 -1.47 14.34 19.81
CA ARG A 399 -2.78 13.88 20.29
C ARG A 399 -3.90 14.71 19.65
N GLN A 400 -3.69 16.01 19.51
CA GLN A 400 -4.67 16.89 18.89
C GLN A 400 -4.80 16.64 17.39
N ASP A 401 -3.71 16.43 16.67
CA ASP A 401 -3.74 16.07 15.26
C ASP A 401 -4.62 14.83 15.04
N TYR A 402 -4.40 13.82 15.91
CA TYR A 402 -5.12 12.59 15.84
C TYR A 402 -6.62 12.79 16.04
N ILE A 403 -6.98 13.53 17.09
CA ILE A 403 -8.37 13.88 17.37
C ILE A 403 -8.92 14.63 16.15
N ASP A 404 -8.20 15.52 15.53
CA ASP A 404 -8.65 16.24 14.35
C ASP A 404 -9.01 15.30 13.21
N ILE A 405 -8.12 14.33 13.01
CA ILE A 405 -8.34 13.33 11.96
C ILE A 405 -9.58 12.50 12.19
N ILE A 406 -9.85 12.12 13.44
CA ILE A 406 -11.01 11.33 13.78
C ILE A 406 -12.30 12.13 13.57
N LYS A 407 -12.28 13.39 13.94
CA LYS A 407 -13.44 14.25 13.74
C LYS A 407 -13.73 14.42 12.25
N TYR A 408 -12.66 14.60 11.49
CA TYR A 408 -12.75 14.74 10.04
C TYR A 408 -13.30 13.50 9.39
N ALA A 409 -12.88 12.30 9.76
CA ALA A 409 -13.41 11.06 9.27
C ALA A 409 -14.86 10.88 9.70
N GLN A 410 -15.22 11.19 10.94
CA GLN A 410 -16.53 11.05 11.50
C GLN A 410 -17.57 11.88 10.72
N ALA A 411 -17.25 13.06 10.31
CA ALA A 411 -18.11 13.93 9.50
C ALA A 411 -18.40 13.32 8.12
N ARG A 412 -17.44 12.48 7.68
CA ARG A 412 -17.48 11.79 6.42
C ARG A 412 -17.95 10.37 6.46
N GLN A 413 -18.52 9.92 7.60
CA GLN A 413 -19.07 8.60 7.78
C GLN A 413 -18.00 7.50 7.73
N ILE A 414 -16.78 7.84 8.05
CA ILE A 414 -15.64 6.94 8.04
C ILE A 414 -15.19 6.59 9.47
N GLU A 415 -15.10 5.32 9.76
CA GLU A 415 -14.64 4.72 10.96
C GLU A 415 -13.09 4.54 10.90
N VAL A 416 -12.47 5.10 11.89
CA VAL A 416 -11.02 5.01 12.06
C VAL A 416 -10.69 3.79 12.94
N ILE A 417 -9.90 2.89 12.32
CA ILE A 417 -9.44 1.68 12.94
C ILE A 417 -7.91 1.76 13.15
N PRO A 418 -7.48 2.01 14.38
CA PRO A 418 -6.08 2.10 14.69
C PRO A 418 -5.46 0.72 14.78
N GLU A 419 -4.27 0.58 14.17
CA GLU A 419 -3.44 -0.58 14.23
C GLU A 419 -2.08 -0.25 14.88
N ILE A 420 -1.84 -1.00 15.97
CA ILE A 420 -0.50 -0.98 16.64
C ILE A 420 0.03 -2.42 16.52
N ASP A 421 0.80 -2.69 15.45
CA ASP A 421 1.25 -4.00 15.05
C ASP A 421 2.14 -4.67 16.11
N MET A 422 1.81 -5.89 16.43
CA MET A 422 2.49 -6.74 17.39
C MET A 422 2.08 -8.18 17.17
N PRO A 423 2.89 -9.13 17.62
CA PRO A 423 4.12 -8.99 18.31
C PRO A 423 5.40 -8.82 17.46
N ALA A 424 5.32 -8.98 16.16
CA ALA A 424 6.41 -8.66 15.26
C ALA A 424 6.17 -7.22 14.71
N HIS A 425 7.02 -6.73 13.83
CA HIS A 425 6.84 -5.39 13.30
C HIS A 425 6.70 -4.35 14.42
N ALA A 426 7.51 -4.50 15.47
CA ALA A 426 7.43 -3.68 16.67
C ALA A 426 8.77 -3.07 17.10
N ARG A 427 9.71 -2.93 16.14
CA ARG A 427 11.02 -2.38 16.50
C ARG A 427 10.96 -0.98 17.05
N ALA A 428 10.10 -0.10 16.48
CA ALA A 428 10.07 1.30 16.96
C ALA A 428 9.70 1.31 18.45
N ALA A 429 8.67 0.54 18.81
CA ALA A 429 8.23 0.45 20.20
C ALA A 429 9.33 -0.17 21.06
N VAL A 430 9.91 -1.29 20.63
CA VAL A 430 10.93 -1.98 21.42
C VAL A 430 12.12 -1.10 21.68
N VAL A 431 12.67 -0.45 20.67
CA VAL A 431 13.85 0.43 20.80
C VAL A 431 13.57 1.68 21.59
N SER A 432 12.37 2.24 21.45
CA SER A 432 11.94 3.40 22.21
C SER A 432 11.83 3.08 23.71
N MET A 433 11.27 1.91 24.01
CA MET A 433 11.15 1.45 25.39
C MET A 433 12.50 1.06 25.96
N GLU A 434 13.49 0.72 25.15
CA GLU A 434 14.84 0.48 25.60
C GLU A 434 15.55 1.81 25.93
N ALA A 435 15.28 2.86 25.15
CA ALA A 435 15.80 4.21 25.44
C ALA A 435 15.18 4.71 26.75
N ARG A 436 13.90 4.40 26.96
CA ARG A 436 13.20 4.73 28.19
C ARG A 436 13.78 3.98 29.41
N TYR A 437 14.01 2.70 29.26
CA TYR A 437 14.62 1.89 30.29
C TYR A 437 15.95 2.47 30.69
N LYS A 438 16.81 2.77 29.71
CA LYS A 438 18.13 3.30 29.98
C LYS A 438 18.13 4.62 30.71
N LYS A 439 17.26 5.52 30.24
CA LYS A 439 17.13 6.84 30.81
C LYS A 439 16.73 6.79 32.30
N LEU A 440 15.69 6.00 32.58
CA LEU A 440 15.15 5.94 33.94
C LEU A 440 16.11 5.16 34.84
N HIS A 441 16.71 4.16 34.28
CA HIS A 441 17.68 3.38 34.99
C HIS A 441 18.86 4.25 35.41
N ALA A 442 19.30 5.15 34.57
CA ALA A 442 20.37 6.07 34.91
C ALA A 442 20.04 6.97 36.08
N ALA A 443 18.79 7.34 36.29
CA ALA A 443 18.35 8.17 37.37
C ALA A 443 18.04 7.33 38.63
N GLY A 444 18.24 6.03 38.57
CA GLY A 444 18.00 5.11 39.63
C GLY A 444 16.55 4.75 39.86
N LYS A 445 15.70 4.97 38.86
CA LYS A 445 14.28 4.72 38.93
C LYS A 445 13.96 3.39 38.27
N GLU A 446 14.40 2.30 38.88
CA GLU A 446 14.39 0.98 38.29
C GLU A 446 13.03 0.40 37.99
N GLN A 447 12.07 0.68 38.91
CA GLN A 447 10.73 0.16 38.72
C GLN A 447 10.04 0.89 37.58
N GLU A 448 10.22 2.20 37.53
CA GLU A 448 9.71 2.97 36.38
C GLU A 448 10.37 2.53 35.09
N ALA A 449 11.67 2.27 35.11
CA ALA A 449 12.42 1.82 33.96
C ALA A 449 11.90 0.55 33.34
N ASN A 450 11.48 -0.40 34.18
CA ASN A 450 11.02 -1.71 33.79
C ASN A 450 9.54 -1.81 33.55
N GLU A 451 8.80 -0.79 33.90
CA GLU A 451 7.36 -0.81 33.83
C GLU A 451 6.82 -1.19 32.44
N PHE A 452 7.37 -0.56 31.41
CA PHE A 452 6.87 -0.77 30.04
C PHE A 452 7.92 -1.38 29.15
N ARG A 453 8.92 -2.04 29.71
CA ARG A 453 9.98 -2.62 28.93
C ARG A 453 9.47 -3.79 28.11
N LEU A 454 9.93 -3.87 26.83
CA LEU A 454 9.42 -4.86 25.89
C LEU A 454 10.40 -5.96 25.50
N VAL A 455 11.48 -6.00 26.23
CA VAL A 455 12.58 -6.92 26.10
C VAL A 455 12.83 -7.74 27.38
N ASP A 456 13.04 -9.01 27.20
CA ASP A 456 13.55 -9.92 28.21
C ASP A 456 15.10 -9.88 28.07
N PRO A 457 15.76 -9.34 29.06
CA PRO A 457 17.19 -9.17 29.12
C PRO A 457 17.98 -10.45 28.98
N THR A 458 17.40 -11.60 29.22
CA THR A 458 17.98 -12.90 29.11
C THR A 458 17.95 -13.44 27.68
N ASP A 459 17.10 -12.79 26.86
CA ASP A 459 16.81 -13.34 25.53
C ASP A 459 17.97 -13.11 24.57
N THR A 460 18.50 -14.17 24.06
CA THR A 460 19.59 -14.20 23.12
C THR A 460 19.19 -14.86 21.80
N SER A 461 17.89 -14.89 21.52
CA SER A 461 17.39 -15.54 20.32
C SER A 461 17.99 -14.87 19.07
N ASN A 462 18.34 -15.72 18.13
CA ASN A 462 18.86 -15.36 16.84
C ASN A 462 17.75 -15.61 15.80
N THR A 463 17.08 -14.54 15.47
CA THR A 463 15.94 -14.59 14.57
C THR A 463 15.97 -13.41 13.61
N THR A 464 15.61 -13.67 12.37
CA THR A 464 15.62 -12.66 11.31
C THR A 464 14.22 -12.45 10.78
N SER A 465 13.80 -11.18 10.82
CA SER A 465 12.49 -10.79 10.32
C SER A 465 12.47 -10.66 8.82
N VAL A 466 11.26 -10.50 8.23
CA VAL A 466 11.09 -10.36 6.78
C VAL A 466 11.90 -9.23 6.16
N GLN A 467 12.07 -8.11 6.89
CA GLN A 467 12.84 -6.95 6.49
C GLN A 467 14.27 -6.94 7.02
N PHE A 468 14.75 -8.06 7.53
CA PHE A 468 16.08 -8.27 7.99
C PHE A 468 16.52 -7.49 9.22
N PHE A 469 15.57 -7.32 10.12
CA PHE A 469 15.80 -6.86 11.47
C PHE A 469 16.05 -8.13 12.30
N ASN A 470 16.53 -8.03 13.50
CA ASN A 470 16.77 -9.21 14.33
C ASN A 470 15.77 -9.18 15.48
N ARG A 471 16.22 -9.66 16.67
CA ARG A 471 15.23 -9.83 17.73
C ARG A 471 14.64 -8.58 18.29
N GLN A 472 15.16 -7.39 18.08
CA GLN A 472 14.52 -6.18 18.55
C GLN A 472 13.27 -5.80 17.80
N SER A 473 12.97 -6.46 16.69
CA SER A 473 11.76 -6.24 15.94
C SER A 473 10.57 -6.93 16.59
N TYR A 474 10.82 -7.88 17.51
CA TYR A 474 9.79 -8.69 18.14
C TYR A 474 9.55 -8.32 19.60
N LEU A 475 8.44 -7.70 19.92
CA LEU A 475 8.10 -7.42 21.33
C LEU A 475 7.86 -8.78 22.02
N ASN A 476 8.28 -8.91 23.27
CA ASN A 476 8.16 -10.20 24.01
C ASN A 476 6.77 -10.34 24.59
N PRO A 477 6.03 -11.33 24.12
CA PRO A 477 4.63 -11.53 24.46
C PRO A 477 4.45 -12.19 25.84
N CYS A 478 5.54 -12.57 26.44
CA CYS A 478 5.49 -13.26 27.72
C CYS A 478 5.67 -12.40 28.93
N LEU A 479 6.09 -11.17 28.77
CA LEU A 479 6.34 -10.24 29.83
C LEU A 479 5.07 -9.57 30.35
N ASP A 480 5.01 -9.37 31.68
CA ASP A 480 3.88 -8.60 32.22
C ASP A 480 4.00 -7.11 31.80
N SER A 481 5.24 -6.66 31.64
CA SER A 481 5.47 -5.30 31.18
C SER A 481 4.92 -5.06 29.78
N SER A 482 4.94 -6.06 28.94
CA SER A 482 4.42 -5.98 27.58
C SER A 482 2.90 -5.80 27.64
N GLN A 483 2.25 -6.53 28.54
CA GLN A 483 0.82 -6.36 28.73
C GLN A 483 0.47 -5.01 29.29
N ARG A 484 1.29 -4.46 30.18
CA ARG A 484 1.13 -3.14 30.71
C ARG A 484 1.22 -2.10 29.57
N PHE A 485 2.21 -2.32 28.72
CA PHE A 485 2.37 -1.40 27.58
C PHE A 485 1.16 -1.38 26.67
N VAL A 486 0.63 -2.52 26.32
CA VAL A 486 -0.53 -2.67 25.43
C VAL A 486 -1.75 -1.99 26.00
N ASP A 487 -1.94 -2.31 27.31
CA ASP A 487 -3.05 -1.72 28.06
C ASP A 487 -3.01 -0.22 28.09
N LYS A 488 -1.83 0.36 28.31
CA LYS A 488 -1.62 1.79 28.35
C LYS A 488 -1.92 2.45 27.03
N VAL A 489 -1.42 1.79 25.97
CA VAL A 489 -1.58 2.30 24.60
C VAL A 489 -3.04 2.21 24.16
N ILE A 490 -3.71 1.11 24.43
CA ILE A 490 -5.12 1.00 24.17
C ILE A 490 -5.88 2.07 24.94
N GLY A 491 -5.64 2.24 26.22
CA GLY A 491 -6.29 3.24 27.02
C GLY A 491 -6.20 4.64 26.52
N GLU A 492 -4.95 5.05 26.18
CA GLU A 492 -4.71 6.39 25.70
C GLU A 492 -5.35 6.65 24.36
N ILE A 493 -5.28 5.67 23.43
CA ILE A 493 -5.90 5.90 22.10
C ILE A 493 -7.42 5.85 22.23
N ALA A 494 -7.99 5.02 23.05
CA ALA A 494 -9.44 4.97 23.29
C ALA A 494 -9.95 6.31 23.84
N GLN A 495 -9.19 6.97 24.71
CA GLN A 495 -9.52 8.29 25.23
C GLN A 495 -9.57 9.36 24.19
N MET A 496 -8.62 9.38 23.24
CA MET A 496 -8.64 10.32 22.14
C MET A 496 -9.89 10.16 21.28
N HIS A 497 -10.24 8.92 20.97
CA HIS A 497 -11.41 8.62 20.18
C HIS A 497 -12.68 9.10 20.91
N LYS A 498 -12.74 8.89 22.20
CA LYS A 498 -13.90 9.38 22.99
C LYS A 498 -13.99 10.87 22.92
N GLU A 499 -12.86 11.57 23.04
CA GLU A 499 -12.83 13.00 22.93
C GLU A 499 -13.23 13.47 21.57
N ALA A 500 -12.89 12.76 20.51
CA ALA A 500 -13.20 13.09 19.15
C ALA A 500 -14.66 12.80 18.79
N GLY A 501 -15.35 12.02 19.60
CA GLY A 501 -16.74 11.69 19.38
C GLY A 501 -16.96 10.45 18.56
N GLN A 502 -15.93 9.64 18.37
CA GLN A 502 -16.03 8.38 17.68
C GLN A 502 -15.29 7.30 18.46
N PRO A 503 -15.87 6.81 19.52
CA PRO A 503 -15.30 5.78 20.38
C PRO A 503 -14.85 4.59 19.53
N ILE A 504 -13.72 4.00 19.81
CA ILE A 504 -13.20 2.88 19.04
C ILE A 504 -14.21 1.74 19.00
N LYS A 505 -14.43 1.19 17.81
CA LYS A 505 -15.25 0.03 17.58
C LYS A 505 -14.40 -1.20 17.27
N THR A 506 -13.27 -1.01 16.60
CA THR A 506 -12.37 -2.10 16.27
C THR A 506 -10.93 -1.73 16.66
N TRP A 507 -10.29 -2.61 17.41
CA TRP A 507 -8.88 -2.52 17.70
C TRP A 507 -8.15 -3.51 16.73
N HIS A 508 -7.15 -2.98 16.02
CA HIS A 508 -6.37 -3.88 15.14
C HIS A 508 -5.03 -4.22 15.80
N PHE A 509 -4.90 -5.51 16.12
CA PHE A 509 -3.72 -6.06 16.82
C PHE A 509 -2.51 -6.27 15.96
N GLY A 510 -2.67 -6.30 14.64
CA GLY A 510 -1.63 -6.63 13.68
C GLY A 510 -1.53 -8.16 13.56
N GLY A 511 -0.43 -8.71 14.02
CA GLY A 511 -0.15 -10.12 14.08
C GLY A 511 0.62 -10.70 12.93
N ASP A 512 1.02 -9.94 11.91
CA ASP A 512 1.66 -10.46 10.73
C ASP A 512 3.14 -10.78 10.92
N GLU A 513 3.58 -11.81 10.19
CA GLU A 513 4.97 -12.19 10.01
C GLU A 513 5.81 -12.37 11.26
N ALA A 514 5.24 -13.04 12.27
CA ALA A 514 5.97 -13.27 13.52
C ALA A 514 6.69 -14.61 13.42
N LYS A 515 7.78 -14.64 12.69
CA LYS A 515 8.57 -15.82 12.39
C LYS A 515 10.01 -15.45 12.01
N ASN A 516 10.85 -16.45 12.00
CA ASN A 516 12.23 -16.36 11.54
C ASN A 516 12.30 -16.83 10.08
N ILE A 517 12.57 -15.85 9.17
CA ILE A 517 12.60 -16.20 7.76
C ILE A 517 13.69 -17.17 7.39
N ARG A 518 14.74 -17.31 8.21
CA ARG A 518 15.86 -18.20 7.95
C ARG A 518 15.51 -19.69 8.14
N LEU A 519 14.39 -19.91 8.79
CA LEU A 519 13.86 -21.25 8.93
C LEU A 519 12.83 -21.52 7.83
N GLY A 520 12.72 -20.66 6.82
CA GLY A 520 11.77 -20.84 5.74
C GLY A 520 12.22 -21.94 4.76
N ALA A 521 11.35 -22.33 3.86
CA ALA A 521 11.60 -23.42 2.92
C ALA A 521 12.65 -23.23 1.88
N GLY A 522 13.04 -22.02 1.51
CA GLY A 522 13.97 -21.82 0.42
C GLY A 522 15.38 -21.76 0.89
N TYR A 523 15.56 -21.94 2.19
CA TYR A 523 16.88 -22.00 2.78
C TYR A 523 17.15 -23.47 3.22
N THR A 524 18.37 -23.88 3.27
CA THR A 524 18.75 -25.23 3.63
C THR A 524 19.97 -25.20 4.51
N ASP A 525 20.26 -26.28 5.23
CA ASP A 525 21.35 -26.25 6.19
C ASP A 525 22.66 -26.71 5.58
N LYS A 526 23.74 -26.10 5.93
CA LYS A 526 25.11 -26.26 5.51
C LYS A 526 25.59 -27.72 5.53
N ALA A 527 25.05 -28.47 6.47
CA ALA A 527 25.34 -29.80 6.79
C ALA A 527 24.75 -30.83 5.82
N LYS A 528 23.54 -30.64 5.41
CA LYS A 528 22.84 -31.56 4.51
C LYS A 528 22.06 -30.73 3.51
N PRO A 529 22.81 -30.02 2.67
CA PRO A 529 22.22 -29.05 1.78
C PRO A 529 21.31 -29.67 0.77
N GLU A 530 20.07 -29.26 0.73
CA GLU A 530 19.24 -29.71 -0.40
C GLU A 530 19.62 -28.75 -1.57
N PRO A 531 19.58 -29.29 -2.76
CA PRO A 531 19.80 -28.56 -3.98
C PRO A 531 18.71 -27.49 -4.17
N GLY A 532 19.07 -26.37 -4.83
CA GLY A 532 18.14 -25.33 -5.19
C GLY A 532 17.72 -24.39 -4.08
N LYS A 533 18.44 -24.42 -2.98
CA LYS A 533 18.05 -23.68 -1.78
C LYS A 533 19.25 -22.93 -1.29
N GLY A 534 19.03 -21.81 -0.59
CA GLY A 534 20.11 -21.04 -0.05
C GLY A 534 20.80 -21.77 1.10
N ILE A 535 22.09 -22.01 0.97
CA ILE A 535 22.85 -22.74 1.99
C ILE A 535 23.30 -21.77 3.10
N ILE A 536 22.71 -21.98 4.27
CA ILE A 536 23.03 -21.23 5.45
C ILE A 536 23.26 -22.15 6.64
N ASP A 537 23.76 -21.59 7.72
CA ASP A 537 23.88 -22.34 8.97
C ASP A 537 22.54 -22.22 9.74
N GLN A 538 21.71 -23.17 9.59
CA GLN A 538 20.41 -23.13 10.20
C GLN A 538 20.41 -23.59 11.65
N GLY A 539 21.55 -24.10 12.11
CA GLY A 539 21.59 -24.64 13.46
C GLY A 539 21.69 -23.58 14.53
N ASN A 540 21.84 -22.45 14.26
CA ASN A 540 22.07 -21.33 15.18
C ASN A 540 20.84 -20.38 14.99
N GLU A 541 19.86 -20.79 14.22
CA GLU A 541 18.67 -20.05 13.94
C GLU A 541 17.55 -20.41 14.93
N ASP A 542 16.98 -19.44 15.60
CA ASP A 542 15.95 -19.71 16.59
C ASP A 542 14.58 -19.28 16.13
N LYS A 543 13.53 -19.93 16.61
CA LYS A 543 12.18 -19.31 16.44
C LYS A 543 12.16 -18.09 17.39
N PRO A 544 11.40 -17.10 17.06
CA PRO A 544 11.30 -15.90 17.94
C PRO A 544 11.04 -16.30 19.39
N TRP A 545 11.71 -15.75 20.36
CA TRP A 545 11.58 -15.86 21.79
C TRP A 545 12.04 -17.20 22.39
N ALA A 546 12.62 -18.07 21.57
CA ALA A 546 13.11 -19.35 21.93
C ALA A 546 14.12 -19.26 23.08
N LYS A 547 14.92 -18.26 23.16
CA LYS A 547 15.90 -18.10 24.21
C LYS A 547 15.46 -17.15 25.30
N SER A 548 14.20 -16.78 25.33
CA SER A 548 13.70 -15.92 26.38
C SER A 548 13.33 -16.85 27.57
N GLN A 549 13.97 -16.62 28.69
CA GLN A 549 13.72 -17.36 29.92
C GLN A 549 12.28 -17.21 30.37
N VAL A 550 11.74 -15.97 30.25
CA VAL A 550 10.34 -15.74 30.58
C VAL A 550 9.40 -16.55 29.71
N CYS A 551 9.61 -16.63 28.38
CA CYS A 551 8.75 -17.45 27.54
C CYS A 551 8.85 -18.94 27.81
N GLN A 552 10.01 -19.39 28.11
CA GLN A 552 10.24 -20.82 28.50
C GLN A 552 9.43 -21.18 29.75
N THR A 553 9.42 -20.32 30.78
CA THR A 553 8.65 -20.67 31.99
C THR A 553 7.20 -20.63 31.72
N MET A 554 6.73 -19.84 30.75
CA MET A 554 5.31 -19.78 30.38
C MET A 554 4.89 -21.09 29.71
N ILE A 555 5.86 -21.63 28.96
CA ILE A 555 5.57 -22.90 28.26
C ILE A 555 5.49 -24.02 29.29
N LYS A 556 6.32 -23.99 30.33
CA LYS A 556 6.31 -24.95 31.42
C LYS A 556 5.13 -24.89 32.33
N GLU A 557 4.55 -23.73 32.66
CA GLU A 557 3.36 -23.70 33.54
C GLU A 557 2.07 -24.10 32.84
N GLY A 558 2.19 -24.63 31.63
CA GLY A 558 1.20 -25.10 30.77
C GLY A 558 0.41 -24.11 29.98
N LYS A 559 0.73 -22.82 30.07
CA LYS A 559 -0.01 -21.76 29.42
C LYS A 559 -0.04 -21.85 27.90
N VAL A 560 1.09 -22.11 27.29
CA VAL A 560 1.16 -22.26 25.82
C VAL A 560 1.87 -23.56 25.52
N ALA A 561 1.54 -24.24 24.45
CA ALA A 561 2.14 -25.48 24.05
C ALA A 561 3.59 -25.41 23.64
N ASP A 562 3.85 -24.42 22.76
CA ASP A 562 5.18 -24.25 22.19
C ASP A 562 5.36 -22.79 21.74
N MET A 563 6.57 -22.49 21.35
CA MET A 563 6.98 -21.16 20.95
C MET A 563 6.22 -20.61 19.76
N GLU A 564 5.91 -21.54 18.82
CA GLU A 564 5.15 -21.24 17.65
C GLU A 564 3.74 -20.75 17.90
N HIS A 565 3.11 -21.13 18.96
CA HIS A 565 1.80 -20.67 19.33
C HIS A 565 1.79 -19.32 20.03
N LEU A 566 2.89 -18.72 20.35
CA LEU A 566 2.87 -17.46 21.04
C LEU A 566 2.13 -16.33 20.41
N PRO A 567 2.25 -16.05 19.12
CA PRO A 567 1.51 -14.98 18.45
C PRO A 567 0.02 -15.11 18.66
N SER A 568 -0.57 -16.26 18.43
CA SER A 568 -1.99 -16.49 18.64
C SER A 568 -2.43 -16.34 20.08
N TYR A 569 -1.63 -16.86 21.02
CA TYR A 569 -1.87 -16.74 22.45
C TYR A 569 -1.94 -15.28 22.87
N PHE A 570 -0.97 -14.52 22.32
CA PHE A 570 -0.87 -13.11 22.59
C PHE A 570 -2.07 -12.35 22.04
N GLY A 571 -2.57 -12.75 20.88
CA GLY A 571 -3.77 -12.17 20.29
C GLY A 571 -5.00 -12.41 21.21
N GLN A 572 -5.14 -13.61 21.74
CA GLN A 572 -6.18 -13.90 22.71
C GLN A 572 -6.10 -13.04 23.96
N GLU A 573 -4.92 -12.82 24.50
CA GLU A 573 -4.65 -11.97 25.64
C GLU A 573 -4.94 -10.53 25.38
N VAL A 574 -4.52 -10.03 24.20
CA VAL A 574 -4.85 -8.67 23.79
C VAL A 574 -6.35 -8.50 23.61
N SER A 575 -7.08 -9.49 23.13
CA SER A 575 -8.53 -9.35 22.99
C SER A 575 -9.19 -9.08 24.34
N LYS A 576 -8.63 -9.67 25.40
CA LYS A 576 -9.16 -9.40 26.76
C LYS A 576 -8.97 -7.99 27.19
N LEU A 577 -7.83 -7.40 26.87
CA LEU A 577 -7.54 -6.01 27.14
C LEU A 577 -8.41 -5.10 26.30
N VAL A 578 -8.67 -5.51 25.07
CA VAL A 578 -9.51 -4.74 24.15
C VAL A 578 -10.94 -4.70 24.74
N LYS A 579 -11.40 -5.87 25.12
CA LYS A 579 -12.74 -5.98 25.71
C LYS A 579 -12.86 -5.17 26.98
N ALA A 580 -11.84 -5.19 27.82
CA ALA A 580 -11.78 -4.44 29.05
C ALA A 580 -11.81 -2.95 28.90
N HIS A 581 -11.46 -2.40 27.74
CA HIS A 581 -11.57 -1.02 27.43
C HIS A 581 -12.87 -0.68 26.69
N GLY A 582 -13.83 -1.58 26.69
CA GLY A 582 -15.14 -1.34 26.10
C GLY A 582 -15.21 -1.51 24.59
N ILE A 583 -14.23 -2.24 24.03
CA ILE A 583 -14.19 -2.45 22.58
C ILE A 583 -14.54 -3.92 22.35
N ASP A 584 -15.55 -4.16 21.46
CA ASP A 584 -16.06 -5.48 21.24
C ASP A 584 -15.74 -6.09 19.90
N ARG A 585 -14.71 -5.59 19.21
CA ARG A 585 -14.27 -6.15 17.95
C ARG A 585 -12.72 -5.96 17.85
N MET A 586 -12.08 -7.02 17.52
CA MET A 586 -10.65 -7.00 17.27
C MET A 586 -10.43 -7.49 15.82
N GLN A 587 -9.41 -6.93 15.20
CA GLN A 587 -9.05 -7.36 13.84
C GLN A 587 -7.54 -7.66 13.81
N ALA A 588 -7.14 -8.56 12.91
CA ALA A 588 -5.74 -8.92 12.76
C ALA A 588 -5.45 -9.43 11.35
N TRP A 589 -4.17 -9.46 11.02
CA TRP A 589 -3.70 -10.14 9.79
C TRP A 589 -3.85 -11.61 10.10
N GLN A 590 -4.37 -12.41 9.21
CA GLN A 590 -4.76 -13.77 9.54
C GLN A 590 -3.67 -14.65 10.05
N ASP A 591 -2.46 -14.49 9.60
CA ASP A 591 -1.36 -15.39 10.09
C ASP A 591 -1.12 -15.26 11.55
N GLY A 592 -1.48 -14.13 12.16
CA GLY A 592 -1.28 -13.94 13.61
C GLY A 592 -2.20 -14.77 14.48
N LEU A 593 -3.33 -15.22 13.93
CA LEU A 593 -4.34 -15.96 14.63
C LEU A 593 -4.52 -17.39 14.16
N LYS A 594 -3.59 -17.86 13.35
CA LYS A 594 -3.70 -19.17 12.74
C LYS A 594 -3.73 -20.29 13.78
N ASP A 595 -3.16 -20.17 14.93
CA ASP A 595 -3.17 -21.25 15.92
C ASP A 595 -4.31 -21.17 16.91
N ALA A 596 -5.15 -20.14 16.85
CA ALA A 596 -6.35 -20.09 17.72
C ALA A 596 -7.38 -21.10 17.16
N GLU A 597 -8.17 -21.67 18.10
CA GLU A 597 -9.17 -22.66 17.74
C GLU A 597 -10.19 -22.10 16.76
N SER A 598 -10.74 -20.97 17.14
CA SER A 598 -11.82 -20.35 16.34
C SER A 598 -12.09 -18.98 16.90
N SER A 599 -13.05 -18.22 16.37
CA SER A 599 -13.38 -16.91 16.93
C SER A 599 -13.83 -17.00 18.38
N LYS A 600 -14.28 -18.19 18.81
CA LYS A 600 -14.67 -18.45 20.16
C LYS A 600 -13.53 -18.30 21.18
N ALA A 601 -12.28 -18.34 20.78
CA ALA A 601 -11.15 -18.20 21.67
C ALA A 601 -10.89 -16.78 22.06
N PHE A 602 -11.61 -15.81 21.55
CA PHE A 602 -11.38 -14.39 21.84
C PHE A 602 -12.45 -13.78 22.69
N ALA A 603 -12.11 -12.76 23.45
CA ALA A 603 -12.95 -12.08 24.40
C ALA A 603 -13.94 -11.14 23.73
N THR A 604 -13.65 -10.64 22.55
CA THR A 604 -14.58 -9.77 21.81
C THR A 604 -15.59 -10.64 21.10
N SER A 605 -16.82 -10.15 20.92
CA SER A 605 -17.87 -10.95 20.29
C SER A 605 -17.69 -11.02 18.77
N ARG A 606 -16.86 -10.09 18.24
CA ARG A 606 -16.52 -10.04 16.87
C ARG A 606 -14.96 -10.04 16.68
N VAL A 607 -14.53 -10.90 15.73
CA VAL A 607 -13.13 -10.95 15.37
C VAL A 607 -13.00 -10.96 13.85
N GLY A 608 -12.34 -9.93 13.31
CA GLY A 608 -12.09 -9.84 11.90
C GLY A 608 -10.67 -10.26 11.53
N VAL A 609 -10.49 -10.78 10.31
CA VAL A 609 -9.19 -11.05 9.76
C VAL A 609 -9.02 -10.36 8.37
N ASN A 610 -7.89 -9.68 8.25
CA ASN A 610 -7.43 -9.19 6.94
C ASN A 610 -6.78 -10.43 6.28
N PHE A 611 -7.45 -10.97 5.29
CA PHE A 611 -7.02 -12.18 4.62
C PHE A 611 -6.10 -11.81 3.46
N TRP A 612 -4.81 -12.10 3.62
CA TRP A 612 -3.79 -11.63 2.69
C TRP A 612 -2.97 -12.75 2.06
N ASP A 613 -3.55 -13.92 1.90
CA ASP A 613 -2.90 -14.98 1.13
C ASP A 613 -3.14 -14.64 -0.36
N THR A 614 -2.25 -15.08 -1.26
CA THR A 614 -2.49 -14.82 -2.68
C THR A 614 -3.40 -15.93 -3.21
N LEU A 615 -4.14 -15.68 -4.29
CA LEU A 615 -5.00 -16.68 -4.85
C LEU A 615 -4.31 -17.76 -5.60
N TYR A 616 -3.35 -17.41 -6.48
CA TYR A 616 -2.74 -18.47 -7.30
C TYR A 616 -1.98 -19.42 -6.42
N TRP A 617 -1.63 -18.95 -5.23
CA TRP A 617 -0.95 -19.83 -4.28
C TRP A 617 -1.96 -20.68 -3.54
N GLY A 618 -3.28 -20.50 -3.62
CA GLY A 618 -4.20 -21.38 -2.87
C GLY A 618 -5.19 -20.62 -2.00
N GLY A 619 -5.11 -19.29 -1.98
CA GLY A 619 -5.95 -18.43 -1.22
C GLY A 619 -7.44 -18.61 -1.48
N PHE A 620 -7.83 -19.00 -2.69
CA PHE A 620 -9.16 -19.28 -3.08
C PHE A 620 -9.80 -20.44 -2.30
N ASP A 621 -8.99 -21.29 -1.66
CA ASP A 621 -9.51 -22.38 -0.85
C ASP A 621 -9.28 -22.17 0.65
N SER A 622 -8.19 -21.50 0.98
CA SER A 622 -7.86 -21.29 2.39
C SER A 622 -8.73 -20.23 3.03
N VAL A 623 -9.29 -19.31 2.27
CA VAL A 623 -10.19 -18.29 2.82
C VAL A 623 -11.44 -18.87 3.47
N ASN A 624 -12.00 -19.96 2.96
CA ASN A 624 -13.22 -20.56 3.44
C ASN A 624 -13.07 -20.94 4.92
N ASP A 625 -11.95 -21.50 5.25
CA ASP A 625 -11.63 -21.92 6.61
C ASP A 625 -11.76 -20.80 7.65
N TRP A 626 -11.37 -19.57 7.33
CA TRP A 626 -11.52 -18.45 8.24
C TRP A 626 -12.99 -18.12 8.45
N ALA A 627 -13.78 -18.00 7.38
CA ALA A 627 -15.18 -17.68 7.48
C ALA A 627 -15.91 -18.78 8.25
N ASN A 628 -15.55 -20.03 8.03
CA ASN A 628 -16.22 -21.13 8.68
C ASN A 628 -15.81 -21.30 10.13
N LYS A 629 -14.77 -20.67 10.61
CA LYS A 629 -14.33 -20.70 11.99
C LYS A 629 -14.89 -19.50 12.79
N GLY A 630 -15.77 -18.74 12.14
CA GLY A 630 -16.41 -17.62 12.77
C GLY A 630 -15.82 -16.26 12.59
N TYR A 631 -14.71 -16.10 11.91
CA TYR A 631 -14.08 -14.80 11.69
C TYR A 631 -14.77 -14.03 10.57
N GLU A 632 -14.75 -12.69 10.70
CA GLU A 632 -15.29 -11.79 9.65
C GLU A 632 -14.15 -11.56 8.64
N VAL A 633 -14.34 -12.12 7.44
CA VAL A 633 -13.21 -12.03 6.48
C VAL A 633 -13.22 -10.73 5.72
N VAL A 634 -12.15 -9.96 5.88
CA VAL A 634 -11.90 -8.73 5.17
C VAL A 634 -10.87 -9.09 4.07
N VAL A 635 -11.36 -9.27 2.86
CA VAL A 635 -10.57 -9.66 1.69
C VAL A 635 -9.52 -8.62 1.38
N SER A 636 -8.23 -8.99 1.48
CA SER A 636 -7.12 -8.04 1.32
C SER A 636 -5.99 -8.58 0.43
N ASN A 637 -6.34 -9.47 -0.49
CA ASN A 637 -5.40 -10.20 -1.30
C ASN A 637 -4.38 -9.32 -2.02
N PRO A 638 -3.10 -9.57 -1.79
CA PRO A 638 -2.02 -8.81 -2.32
C PRO A 638 -1.95 -8.81 -3.83
N ASP A 639 -2.41 -9.92 -4.43
CA ASP A 639 -2.41 -10.03 -5.86
C ASP A 639 -3.43 -9.15 -6.54
N TYR A 640 -4.36 -8.49 -5.89
CA TYR A 640 -5.29 -7.59 -6.49
C TYR A 640 -5.41 -6.23 -5.83
N VAL A 641 -5.37 -6.14 -4.51
CA VAL A 641 -5.69 -4.94 -3.79
C VAL A 641 -4.58 -4.41 -2.94
N TYR A 642 -3.33 -4.77 -3.22
CA TYR A 642 -2.17 -4.08 -2.64
C TYR A 642 -1.79 -2.97 -3.64
N MET A 643 -1.91 -1.74 -3.17
CA MET A 643 -1.65 -0.53 -3.87
C MET A 643 -0.19 -0.06 -3.79
N ASP A 644 0.68 -0.83 -3.18
CA ASP A 644 2.12 -0.58 -3.22
C ASP A 644 2.77 -1.34 -4.40
N PHE A 645 1.98 -2.08 -5.15
CA PHE A 645 2.39 -2.86 -6.32
C PHE A 645 2.19 -2.03 -7.58
N PRO A 646 2.90 -2.34 -8.67
CA PRO A 646 2.95 -1.49 -9.84
C PRO A 646 1.63 -1.53 -10.64
N TYR A 647 1.42 -0.42 -11.35
CA TYR A 647 0.28 -0.27 -12.25
C TYR A 647 0.47 -1.08 -13.54
N GLU A 648 1.76 -1.22 -13.93
CA GLU A 648 2.07 -1.94 -15.16
C GLU A 648 3.49 -2.49 -15.15
N VAL A 649 3.66 -3.46 -16.06
CA VAL A 649 4.96 -4.13 -16.20
C VAL A 649 5.87 -3.29 -17.08
N ASN A 650 6.64 -2.45 -16.41
CA ASN A 650 7.54 -1.47 -16.94
C ASN A 650 8.55 -1.10 -15.87
N PRO A 651 9.82 -1.25 -16.15
CA PRO A 651 10.88 -1.02 -15.16
C PRO A 651 10.97 0.35 -14.62
N ASP A 652 10.32 1.34 -15.21
CA ASP A 652 10.28 2.69 -14.72
C ASP A 652 9.06 3.00 -13.83
N GLU A 653 8.23 2.03 -13.56
CA GLU A 653 7.12 2.17 -12.66
C GLU A 653 7.57 1.97 -11.18
N ARG A 654 6.78 2.60 -10.33
CA ARG A 654 6.96 2.51 -8.88
C ARG A 654 6.25 1.32 -8.30
N GLY A 655 6.84 0.70 -7.28
CA GLY A 655 6.27 -0.26 -6.44
C GLY A 655 7.07 -1.51 -6.13
N TYR A 656 6.66 -2.18 -5.05
CA TYR A 656 7.09 -3.55 -4.76
C TYR A 656 6.22 -4.49 -5.62
N TYR A 657 6.54 -5.77 -5.68
CA TYR A 657 5.88 -6.65 -6.64
C TYR A 657 5.97 -8.11 -6.27
N TRP A 658 6.06 -8.41 -4.96
CA TRP A 658 6.20 -9.79 -4.55
C TRP A 658 4.94 -10.61 -4.78
N GLY A 659 3.77 -10.02 -4.68
CA GLY A 659 2.50 -10.72 -4.77
C GLY A 659 1.95 -10.87 -6.16
N THR A 660 2.32 -9.94 -7.03
CA THR A 660 1.95 -9.88 -8.44
C THR A 660 2.83 -8.85 -9.15
N ARG A 661 2.94 -8.93 -10.48
CA ARG A 661 3.78 -7.99 -11.21
C ARG A 661 3.12 -6.63 -11.51
N PHE A 662 1.76 -6.62 -11.58
CA PHE A 662 1.01 -5.45 -11.78
C PHE A 662 -0.46 -5.64 -11.37
N SER A 663 -1.08 -4.50 -11.01
CA SER A 663 -2.49 -4.37 -10.77
C SER A 663 -2.92 -2.95 -11.13
N ASP A 664 -3.50 -2.83 -12.31
CA ASP A 664 -3.99 -1.54 -12.80
C ASP A 664 -5.45 -1.35 -12.42
N GLU A 665 -6.06 -0.26 -12.83
CA GLU A 665 -7.45 0.08 -12.53
C GLU A 665 -8.40 -1.03 -13.01
N ARG A 666 -8.08 -1.54 -14.19
CA ARG A 666 -8.82 -2.62 -14.82
C ARG A 666 -8.73 -3.90 -14.07
N LYS A 667 -7.56 -4.32 -13.63
CA LYS A 667 -7.41 -5.56 -12.86
C LYS A 667 -8.13 -5.52 -11.54
N VAL A 668 -7.99 -4.40 -10.82
CA VAL A 668 -8.66 -4.18 -9.56
C VAL A 668 -10.19 -4.26 -9.72
N PHE A 669 -10.70 -3.64 -10.76
CA PHE A 669 -12.12 -3.68 -11.08
C PHE A 669 -12.61 -5.08 -11.35
N SER A 670 -11.80 -5.94 -12.01
CA SER A 670 -12.16 -7.27 -12.39
C SER A 670 -12.11 -8.29 -11.27
N PHE A 671 -11.56 -7.91 -10.12
CA PHE A 671 -11.50 -8.79 -8.97
C PHE A 671 -12.91 -9.09 -8.40
N ALA A 672 -13.23 -10.34 -8.23
CA ALA A 672 -14.46 -10.88 -7.66
C ALA A 672 -14.13 -11.44 -6.26
N PRO A 673 -14.34 -10.62 -5.22
CA PRO A 673 -13.95 -10.94 -3.86
C PRO A 673 -14.79 -11.94 -3.12
N ASP A 674 -16.03 -12.18 -3.60
CA ASP A 674 -16.98 -13.08 -2.99
C ASP A 674 -17.12 -14.43 -3.65
N ASN A 675 -16.41 -14.64 -4.76
CA ASN A 675 -16.31 -15.88 -5.49
C ASN A 675 -14.86 -16.00 -6.04
N MET A 676 -13.95 -16.21 -5.06
CA MET A 676 -12.55 -16.22 -5.34
C MET A 676 -12.06 -17.12 -6.41
N PRO A 677 -12.56 -18.30 -6.60
CA PRO A 677 -12.15 -19.18 -7.68
C PRO A 677 -12.31 -18.60 -9.05
N GLN A 678 -13.30 -17.75 -9.32
CA GLN A 678 -13.57 -17.22 -10.64
C GLN A 678 -12.50 -16.34 -11.23
N ASN A 679 -11.66 -15.75 -10.40
CA ASN A 679 -10.54 -14.93 -10.80
C ASN A 679 -9.50 -15.70 -11.62
N ALA A 680 -9.55 -17.01 -11.64
CA ALA A 680 -8.68 -17.84 -12.46
C ALA A 680 -8.95 -17.65 -13.95
N GLU A 681 -10.16 -17.25 -14.32
CA GLU A 681 -10.51 -17.02 -15.70
C GLU A 681 -10.23 -15.62 -16.14
N THR A 682 -10.02 -14.68 -15.17
CA THR A 682 -9.91 -13.27 -15.57
C THR A 682 -8.60 -12.62 -15.25
N SER A 683 -7.63 -13.37 -14.76
CA SER A 683 -6.35 -12.82 -14.37
C SER A 683 -5.26 -13.86 -14.51
N VAL A 684 -4.00 -13.41 -14.40
CA VAL A 684 -2.85 -14.28 -14.46
C VAL A 684 -2.01 -14.11 -13.19
N ASP A 685 -1.18 -15.07 -12.86
CA ASP A 685 -0.34 -15.05 -11.71
C ASP A 685 0.84 -14.08 -11.85
N ARG A 686 1.73 -14.12 -10.83
CA ARG A 686 2.82 -13.15 -10.80
C ARG A 686 3.85 -13.28 -11.92
N ASP A 687 3.91 -14.41 -12.60
CA ASP A 687 4.77 -14.66 -13.72
C ASP A 687 3.99 -14.67 -15.04
N GLY A 688 2.77 -14.16 -15.02
CA GLY A 688 1.93 -14.01 -16.15
C GLY A 688 1.29 -15.30 -16.62
N ASN A 689 1.34 -16.34 -15.82
CA ASN A 689 0.81 -17.63 -16.16
C ASN A 689 -0.65 -17.77 -15.77
N HIS A 690 -1.42 -18.59 -16.52
CA HIS A 690 -2.77 -18.89 -16.15
C HIS A 690 -2.73 -19.82 -14.95
N PHE A 691 -3.79 -19.80 -14.17
CA PHE A 691 -3.88 -20.74 -13.06
C PHE A 691 -5.30 -21.33 -13.01
N ASN A 692 -5.47 -22.32 -12.15
CA ASN A 692 -6.70 -23.00 -11.91
C ASN A 692 -7.11 -22.82 -10.43
N ALA A 693 -8.39 -22.85 -10.21
CA ALA A 693 -8.91 -22.63 -8.88
C ALA A 693 -10.25 -23.35 -8.71
N LYS A 694 -10.36 -23.95 -7.54
CA LYS A 694 -11.52 -24.69 -7.09
C LYS A 694 -11.53 -24.77 -5.55
N SER A 695 -12.73 -24.80 -4.98
CA SER A 695 -12.88 -25.10 -3.59
C SER A 695 -14.16 -25.99 -3.46
N ASP A 696 -14.01 -26.93 -2.56
CA ASP A 696 -15.14 -27.86 -2.30
C ASP A 696 -15.84 -27.46 -1.03
N LYS A 697 -15.23 -26.44 -0.35
CA LYS A 697 -15.71 -26.02 0.95
C LYS A 697 -16.85 -25.02 0.86
N PRO A 698 -17.66 -25.02 1.91
CA PRO A 698 -18.72 -24.07 2.09
C PRO A 698 -18.15 -22.63 2.20
N TRP A 699 -18.88 -21.70 1.64
CA TRP A 699 -18.51 -20.29 1.67
C TRP A 699 -19.74 -19.46 2.02
N PRO A 700 -19.78 -18.94 3.23
CA PRO A 700 -20.86 -18.12 3.71
C PRO A 700 -20.83 -16.70 3.20
N GLY A 701 -19.68 -16.26 2.70
CA GLY A 701 -19.47 -14.94 2.16
C GLY A 701 -18.44 -14.13 2.97
N ALA A 702 -17.93 -13.10 2.28
CA ALA A 702 -17.01 -12.15 2.83
C ALA A 702 -17.77 -11.04 3.60
N TYR A 703 -17.10 -10.50 4.59
CA TYR A 703 -17.61 -9.39 5.34
C TYR A 703 -17.24 -8.07 4.76
N GLY A 704 -16.05 -7.97 4.08
CA GLY A 704 -15.58 -6.79 3.49
C GLY A 704 -14.44 -6.88 2.51
N LEU A 705 -14.03 -5.72 2.04
CA LEU A 705 -12.91 -5.57 1.12
C LEU A 705 -12.04 -4.41 1.56
N SER A 706 -10.73 -4.56 1.49
CA SER A 706 -9.78 -3.53 1.86
C SER A 706 -8.62 -3.46 0.84
N ALA A 707 -8.22 -2.26 0.46
CA ALA A 707 -7.09 -1.97 -0.39
C ALA A 707 -5.99 -1.30 0.46
N GLN A 708 -4.77 -1.84 0.33
CA GLN A 708 -3.66 -1.44 1.16
C GLN A 708 -2.60 -0.60 0.49
N LEU A 709 -2.21 0.49 1.15
CA LEU A 709 -1.05 1.26 0.73
C LEU A 709 0.05 1.07 1.81
N TRP A 710 0.97 0.17 1.52
CA TRP A 710 2.21 0.00 2.28
C TRP A 710 3.20 1.06 1.76
N SER A 711 4.08 1.63 2.63
CA SER A 711 4.82 2.78 2.23
C SER A 711 6.29 2.71 2.02
N GLU A 712 6.85 1.50 1.83
CA GLU A 712 8.31 1.36 1.67
C GLU A 712 8.95 2.33 0.69
N THR A 713 8.43 2.42 -0.54
CA THR A 713 9.01 3.25 -1.59
C THR A 713 8.17 4.49 -1.84
N GLN A 714 7.14 4.73 -1.00
CA GLN A 714 6.30 5.94 -1.13
C GLN A 714 6.83 6.93 -0.11
N ARG A 715 7.92 7.57 -0.45
CA ARG A 715 8.71 8.42 0.40
C ARG A 715 8.10 9.80 0.59
N THR A 716 7.27 10.20 -0.34
CA THR A 716 6.63 11.52 -0.36
C THR A 716 5.11 11.35 -0.44
N ASP A 717 4.39 12.43 -0.14
CA ASP A 717 2.93 12.44 -0.22
C ASP A 717 2.41 12.30 -1.65
N PRO A 718 2.96 12.95 -2.61
CA PRO A 718 2.60 12.81 -4.03
C PRO A 718 2.80 11.40 -4.52
N GLN A 719 3.84 10.70 -4.00
CA GLN A 719 4.08 9.31 -4.37
C GLN A 719 3.01 8.39 -3.85
N MET A 720 2.58 8.67 -2.60
CA MET A 720 1.44 7.94 -2.00
C MET A 720 0.16 8.12 -2.83
N GLU A 721 -0.10 9.38 -3.23
CA GLU A 721 -1.27 9.70 -4.05
C GLU A 721 -1.22 9.03 -5.42
N TYR A 722 -0.09 9.00 -6.05
CA TYR A 722 0.14 8.31 -7.32
C TYR A 722 -0.25 6.86 -7.25
N MET A 723 0.07 6.18 -6.16
CA MET A 723 -0.10 4.79 -5.94
C MET A 723 -1.53 4.40 -5.55
N ILE A 724 -2.22 5.26 -4.83
CA ILE A 724 -3.60 4.99 -4.45
C ILE A 724 -4.62 5.37 -5.57
N PHE A 725 -4.44 6.48 -6.22
CA PHE A 725 -5.35 7.03 -7.22
C PHE A 725 -4.72 6.99 -8.61
N PRO A 726 -5.52 6.59 -9.60
CA PRO A 726 -6.94 6.38 -9.49
C PRO A 726 -7.50 5.03 -9.21
N ARG A 727 -6.64 4.03 -8.94
CA ARG A 727 -7.12 2.68 -8.75
C ARG A 727 -7.94 2.48 -7.50
N ALA A 728 -7.94 3.36 -6.52
CA ALA A 728 -8.84 3.23 -5.39
C ALA A 728 -10.31 3.43 -5.86
N LEU A 729 -10.54 4.06 -7.01
CA LEU A 729 -11.93 4.20 -7.49
C LEU A 729 -12.50 2.86 -7.91
N SER A 730 -11.63 1.96 -8.46
CA SER A 730 -12.03 0.61 -8.78
C SER A 730 -12.34 -0.19 -7.53
N VAL A 731 -11.60 0.01 -6.46
CA VAL A 731 -11.83 -0.60 -5.17
C VAL A 731 -13.23 -0.16 -4.65
N ALA A 732 -13.50 1.12 -4.68
CA ALA A 732 -14.78 1.66 -4.21
C ALA A 732 -15.95 1.00 -4.94
N GLU A 733 -15.83 0.81 -6.24
CA GLU A 733 -16.87 0.17 -7.05
C GLU A 733 -17.16 -1.22 -6.61
N ARG A 734 -16.07 -2.03 -6.52
CA ARG A 734 -16.17 -3.42 -6.18
C ARG A 734 -16.58 -3.66 -4.75
N SER A 735 -16.21 -2.74 -3.84
CA SER A 735 -16.60 -2.92 -2.44
C SER A 735 -18.05 -2.52 -2.17
N TRP A 736 -18.64 -1.72 -3.03
CA TRP A 736 -20.02 -1.31 -2.91
C TRP A 736 -20.94 -2.17 -3.73
N HIS A 737 -20.58 -2.40 -4.99
CA HIS A 737 -21.42 -3.05 -5.96
C HIS A 737 -20.96 -4.42 -6.42
N ARG A 738 -21.91 -5.38 -6.33
CA ARG A 738 -21.78 -6.69 -6.87
C ARG A 738 -22.21 -6.70 -8.34
N ALA A 739 -21.34 -6.92 -9.27
CA ALA A 739 -21.68 -6.90 -10.70
C ALA A 739 -22.36 -8.21 -11.13
N GLY A 740 -23.06 -8.11 -12.28
CA GLY A 740 -23.73 -9.26 -12.86
C GLY A 740 -22.78 -10.35 -13.27
N TRP A 741 -21.54 -10.02 -13.64
CA TRP A 741 -20.55 -11.02 -14.04
C TRP A 741 -19.81 -11.62 -12.88
N GLU A 742 -20.14 -11.18 -11.65
CA GLU A 742 -19.66 -11.79 -10.44
C GLU A 742 -20.59 -12.95 -10.07
N GLN A 743 -20.20 -14.18 -10.36
CA GLN A 743 -21.08 -15.32 -10.12
C GLN A 743 -21.13 -15.75 -8.65
N ASP A 744 -22.25 -16.47 -8.37
CA ASP A 744 -22.35 -17.12 -7.09
C ASP A 744 -21.30 -18.27 -6.99
N TYR A 745 -20.75 -18.33 -5.79
CA TYR A 745 -19.80 -19.34 -5.42
C TYR A 745 -20.49 -20.70 -5.56
N ARG A 746 -19.80 -21.66 -6.07
CA ARG A 746 -20.24 -23.02 -6.23
C ARG A 746 -19.12 -23.97 -5.84
N ALA A 747 -19.39 -24.67 -4.73
CA ALA A 747 -18.44 -25.67 -4.23
C ALA A 747 -18.25 -26.74 -5.33
N GLY A 748 -17.02 -27.09 -5.61
CA GLY A 748 -16.66 -28.04 -6.59
C GLY A 748 -16.50 -27.50 -7.98
N ARG A 749 -16.90 -26.24 -8.24
CA ARG A 749 -16.67 -25.69 -9.56
C ARG A 749 -15.17 -25.30 -9.66
N GLU A 750 -14.60 -25.75 -10.79
CA GLU A 750 -13.21 -25.49 -11.08
C GLU A 750 -13.08 -24.59 -12.32
N TYR A 751 -12.51 -23.41 -12.10
CA TYR A 751 -12.20 -22.44 -13.10
C TYR A 751 -10.70 -22.63 -13.51
N LYS A 752 -10.50 -22.75 -14.81
CA LYS A 752 -9.17 -23.01 -15.35
C LYS A 752 -8.83 -21.92 -16.35
N GLY A 753 -7.85 -21.09 -15.97
CA GLY A 753 -7.47 -19.97 -16.83
C GLY A 753 -7.07 -20.51 -18.21
N GLY A 754 -7.59 -19.86 -19.23
CA GLY A 754 -7.40 -20.20 -20.60
C GLY A 754 -8.20 -21.39 -21.12
N GLU A 755 -8.90 -22.09 -20.27
CA GLU A 755 -9.58 -23.33 -20.60
C GLU A 755 -11.06 -23.25 -20.34
N THR A 756 -11.54 -22.95 -19.17
CA THR A 756 -12.98 -22.87 -18.93
C THR A 756 -13.50 -21.54 -19.36
N HIS A 757 -14.84 -21.49 -19.52
CA HIS A 757 -15.49 -20.24 -19.95
C HIS A 757 -16.78 -20.00 -19.20
N PHE A 758 -16.69 -20.17 -17.86
CA PHE A 758 -17.80 -19.94 -16.99
C PHE A 758 -18.15 -18.46 -16.88
N VAL A 759 -17.18 -17.61 -16.69
CA VAL A 759 -17.42 -16.18 -16.52
C VAL A 759 -17.81 -15.50 -17.82
N ASP A 760 -18.78 -14.59 -17.65
CA ASP A 760 -19.28 -13.75 -18.72
C ASP A 760 -18.38 -12.53 -18.89
N THR A 761 -17.33 -12.77 -19.65
CA THR A 761 -16.30 -11.76 -19.89
C THR A 761 -16.70 -10.66 -20.81
N GLN A 762 -17.75 -10.88 -21.61
CA GLN A 762 -18.24 -9.78 -22.47
C GLN A 762 -18.96 -8.76 -21.57
N ALA A 763 -19.67 -9.28 -20.56
CA ALA A 763 -20.37 -8.42 -19.62
C ALA A 763 -19.33 -7.62 -18.79
N LEU A 764 -18.28 -8.32 -18.41
CA LEU A 764 -17.19 -7.70 -17.62
C LEU A 764 -16.55 -6.58 -18.38
N GLU A 765 -16.23 -6.89 -19.66
CA GLU A 765 -15.61 -5.95 -20.59
C GLU A 765 -16.46 -4.73 -20.82
N LYS A 766 -17.75 -4.85 -20.97
CA LYS A 766 -18.66 -3.77 -21.19
C LYS A 766 -18.79 -2.86 -19.96
N ASP A 767 -18.80 -3.51 -18.80
CA ASP A 767 -18.90 -2.80 -17.51
C ASP A 767 -17.63 -1.96 -17.33
N TRP A 768 -16.47 -2.56 -17.55
CA TRP A 768 -15.21 -1.83 -17.46
C TRP A 768 -15.12 -0.70 -18.45
N LEU A 769 -15.60 -0.91 -19.72
CA LEU A 769 -15.54 0.14 -20.70
C LEU A 769 -16.26 1.39 -20.25
N ARG A 770 -17.44 1.20 -19.64
CA ARG A 770 -18.21 2.32 -19.16
C ARG A 770 -17.51 3.01 -17.98
N PHE A 771 -17.05 2.19 -17.05
CA PHE A 771 -16.38 2.71 -15.83
C PHE A 771 -15.14 3.52 -16.18
N ALA A 772 -14.30 2.99 -17.08
CA ALA A 772 -13.11 3.67 -17.56
C ALA A 772 -13.40 5.00 -18.20
N ASN A 773 -14.50 5.11 -18.96
CA ASN A 773 -14.98 6.29 -19.59
C ASN A 773 -15.48 7.31 -18.54
N ILE A 774 -16.17 6.79 -17.53
CA ILE A 774 -16.63 7.72 -16.43
C ILE A 774 -15.40 8.33 -15.76
N LEU A 775 -14.37 7.59 -15.51
CA LEU A 775 -13.12 8.13 -14.95
C LEU A 775 -12.46 9.14 -15.85
N GLY A 776 -12.23 8.79 -17.12
CA GLY A 776 -11.52 9.67 -18.02
C GLY A 776 -12.29 10.91 -18.42
N GLN A 777 -13.61 10.80 -18.58
CA GLN A 777 -14.45 11.93 -18.95
C GLN A 777 -15.01 12.72 -17.79
N ARG A 778 -15.14 12.23 -16.57
CA ARG A 778 -15.77 12.99 -15.51
C ARG A 778 -15.03 13.05 -14.18
N GLU A 779 -14.69 11.89 -13.62
CA GLU A 779 -14.16 11.82 -12.26
C GLU A 779 -12.75 12.26 -12.08
N LEU A 780 -11.81 12.02 -13.02
CA LEU A 780 -10.44 12.48 -12.81
C LEU A 780 -10.42 13.99 -12.71
N ALA A 781 -11.29 14.72 -13.42
CA ALA A 781 -11.33 16.17 -13.26
C ALA A 781 -11.70 16.59 -11.84
N LYS A 782 -12.48 15.77 -11.15
CA LYS A 782 -12.82 16.04 -9.73
C LYS A 782 -11.65 15.77 -8.80
N LEU A 783 -10.79 14.78 -9.10
CA LEU A 783 -9.57 14.52 -8.35
C LEU A 783 -8.61 15.69 -8.48
N ASP A 784 -8.51 16.32 -9.63
CA ASP A 784 -7.70 17.47 -9.89
C ASP A 784 -8.14 18.60 -8.91
N LYS A 785 -9.46 18.77 -8.80
CA LYS A 785 -10.05 19.76 -7.90
C LYS A 785 -9.83 19.46 -6.44
N GLY A 786 -9.69 18.21 -6.05
CA GLY A 786 -9.40 17.84 -4.68
C GLY A 786 -7.89 17.84 -4.39
N GLY A 787 -7.03 18.21 -5.31
CA GLY A 787 -5.65 18.33 -5.18
C GLY A 787 -4.88 17.05 -5.03
N VAL A 788 -5.36 15.97 -5.60
CA VAL A 788 -4.74 14.66 -5.50
C VAL A 788 -3.85 14.39 -6.71
N ALA A 789 -2.59 14.01 -6.45
CA ALA A 789 -1.59 13.76 -7.48
C ALA A 789 -1.64 12.30 -7.97
N TYR A 790 -2.79 11.95 -8.55
CA TYR A 790 -3.07 10.64 -9.09
C TYR A 790 -2.16 10.33 -10.30
N ARG A 791 -1.95 9.06 -10.53
CA ARG A 791 -1.20 8.60 -11.68
C ARG A 791 -1.96 8.85 -13.00
N LEU A 792 -1.28 9.48 -13.94
CA LEU A 792 -1.81 9.62 -15.31
C LEU A 792 -1.18 8.51 -16.15
N PRO A 793 -2.01 7.70 -16.77
CA PRO A 793 -1.56 6.55 -17.56
C PRO A 793 -0.80 7.03 -18.80
N VAL A 794 0.20 6.29 -19.22
CA VAL A 794 0.92 6.64 -20.48
C VAL A 794 0.02 6.11 -21.62
N PRO A 795 -0.13 6.83 -22.69
CA PRO A 795 -0.89 6.37 -23.84
C PRO A 795 -0.29 5.13 -24.50
N GLY A 796 -1.16 4.40 -25.15
CA GLY A 796 -0.80 3.39 -26.10
C GLY A 796 -0.72 4.13 -27.47
N ALA A 797 0.17 3.65 -28.31
CA ALA A 797 0.33 4.24 -29.63
C ALA A 797 1.01 3.30 -30.61
N ARG A 798 0.63 3.51 -31.90
CA ARG A 798 1.23 2.83 -33.02
C ARG A 798 1.21 3.77 -34.25
N VAL A 799 2.08 3.41 -35.19
CA VAL A 799 2.15 4.12 -36.47
C VAL A 799 1.67 3.12 -37.57
N ALA A 800 0.62 3.54 -38.22
CA ALA A 800 -0.03 2.74 -39.24
C ALA A 800 -0.53 3.61 -40.37
N GLY A 801 -0.25 3.18 -41.61
CA GLY A 801 -0.75 3.95 -42.77
C GLY A 801 -0.35 5.39 -42.72
N GLY A 802 0.89 5.64 -42.30
CA GLY A 802 1.51 6.90 -42.19
C GLY A 802 1.09 7.85 -41.11
N LYS A 803 0.17 7.44 -40.22
CA LYS A 803 -0.34 8.38 -39.21
C LYS A 803 -0.26 7.75 -37.82
N LEU A 804 -0.28 8.64 -36.83
CA LEU A 804 -0.25 8.22 -35.43
C LEU A 804 -1.68 7.84 -34.97
N GLU A 805 -1.80 6.68 -34.39
CA GLU A 805 -2.99 6.24 -33.73
C GLU A 805 -2.64 6.01 -32.21
N ALA A 806 -3.38 6.69 -31.36
CA ALA A 806 -3.12 6.59 -29.92
C ALA A 806 -4.43 6.26 -29.20
N ASN A 807 -4.23 5.59 -28.04
CA ASN A 807 -5.34 5.23 -27.18
C ASN A 807 -4.85 5.31 -25.71
N ILE A 808 -5.76 5.06 -24.80
CA ILE A 808 -5.48 5.25 -23.35
C ILE A 808 -6.32 4.38 -22.49
N ALA A 809 -5.85 3.99 -21.29
CA ALA A 809 -6.58 3.08 -20.43
C ALA A 809 -7.89 3.64 -19.87
N LEU A 810 -7.97 4.97 -19.77
CA LEU A 810 -9.12 5.70 -19.25
C LEU A 810 -9.59 6.73 -20.30
N PRO A 811 -10.43 6.25 -21.21
CA PRO A 811 -10.90 7.04 -22.33
C PRO A 811 -11.55 8.34 -21.90
N GLY A 812 -11.17 9.41 -22.60
CA GLY A 812 -11.62 10.75 -22.26
C GLY A 812 -10.45 11.65 -21.91
N LEU A 813 -9.37 11.04 -21.43
CA LEU A 813 -8.17 11.78 -21.06
C LEU A 813 -7.49 12.30 -22.33
N GLY A 814 -6.94 13.47 -22.26
CA GLY A 814 -6.19 14.06 -23.32
C GLY A 814 -4.88 13.39 -23.63
N ILE A 815 -4.53 13.39 -24.91
CA ILE A 815 -3.30 12.78 -25.38
C ILE A 815 -2.46 13.80 -26.13
N GLU A 816 -1.17 13.87 -25.89
CA GLU A 816 -0.28 14.72 -26.66
C GLU A 816 0.85 13.89 -27.26
N TYR A 817 1.40 14.43 -28.36
CA TYR A 817 2.48 13.79 -29.07
C TYR A 817 3.54 14.84 -29.47
N SER A 818 4.72 14.36 -29.72
CA SER A 818 5.84 15.20 -30.09
C SER A 818 6.66 14.49 -31.16
N THR A 819 6.99 15.24 -32.22
CA THR A 819 7.79 14.59 -33.28
C THR A 819 9.22 15.13 -33.28
N ASP A 820 9.56 15.95 -32.32
CA ASP A 820 10.90 16.54 -32.23
C ASP A 820 11.73 16.19 -31.04
N GLY A 821 11.67 15.02 -30.46
CA GLY A 821 12.42 14.69 -29.28
C GLY A 821 11.84 15.22 -27.98
N GLY A 822 10.56 15.55 -28.01
CA GLY A 822 9.85 15.96 -26.83
C GLY A 822 10.03 17.39 -26.46
N LYS A 823 10.27 18.25 -27.43
CA LYS A 823 10.46 19.67 -27.16
C LYS A 823 9.15 20.42 -27.41
N GLN A 824 8.48 20.12 -28.52
CA GLN A 824 7.19 20.69 -28.80
C GLN A 824 6.15 19.51 -28.71
N TRP A 825 5.11 19.82 -27.96
CA TRP A 825 4.03 18.86 -27.80
C TRP A 825 2.76 19.41 -28.45
N GLN A 826 2.05 18.55 -29.15
CA GLN A 826 0.80 18.93 -29.79
C GLN A 826 -0.32 18.00 -29.31
N ARG A 827 -1.56 18.51 -29.30
CA ARG A 827 -2.69 17.70 -28.94
C ARG A 827 -3.09 16.70 -30.05
N TYR A 828 -3.36 15.51 -29.60
CA TYR A 828 -3.81 14.45 -30.49
C TYR A 828 -5.34 14.54 -30.61
N ASP A 829 -5.79 14.55 -31.87
CA ASP A 829 -7.19 14.49 -32.23
C ASP A 829 -7.47 13.17 -32.98
N ALA A 830 -8.25 12.25 -32.43
CA ALA A 830 -8.50 10.97 -33.07
C ALA A 830 -9.25 11.06 -34.39
N LYS A 831 -10.03 12.12 -34.59
CA LYS A 831 -10.82 12.23 -35.83
C LYS A 831 -10.10 13.02 -36.87
N ALA A 832 -8.84 13.36 -36.56
CA ALA A 832 -7.95 14.02 -37.51
C ALA A 832 -6.50 13.67 -37.13
N LYS A 833 -6.24 12.37 -37.20
CA LYS A 833 -4.96 11.79 -36.77
C LYS A 833 -3.83 12.47 -37.50
N PRO A 834 -2.68 12.63 -36.86
CA PRO A 834 -1.54 13.29 -37.41
C PRO A 834 -0.64 12.43 -38.27
N ALA A 835 -0.22 13.01 -39.40
CA ALA A 835 0.75 12.31 -40.26
C ALA A 835 2.10 12.39 -39.55
N VAL A 836 2.72 11.23 -39.44
CA VAL A 836 3.92 11.10 -38.65
C VAL A 836 5.01 10.40 -39.37
N SER A 837 6.21 10.90 -39.19
CA SER A 837 7.43 10.34 -39.75
C SER A 837 8.51 10.44 -38.63
N GLY A 838 9.23 9.34 -38.49
CA GLY A 838 10.29 9.24 -37.53
C GLY A 838 9.83 9.00 -36.10
N GLU A 839 10.73 9.38 -35.21
CA GLU A 839 10.55 9.20 -33.77
C GLU A 839 9.33 10.00 -33.31
N VAL A 840 8.43 9.24 -32.60
CA VAL A 840 7.29 9.89 -32.02
C VAL A 840 7.29 9.52 -30.50
N GLN A 841 6.97 10.49 -29.69
CA GLN A 841 6.78 10.28 -28.25
C GLN A 841 5.33 10.65 -27.90
N VAL A 842 4.75 10.02 -26.89
CA VAL A 842 3.39 10.34 -26.47
C VAL A 842 3.32 10.53 -24.95
N ARG A 843 2.36 11.29 -24.49
CA ARG A 843 2.15 11.48 -23.05
C ARG A 843 0.67 11.84 -22.86
N SER A 844 0.11 11.64 -21.69
CA SER A 844 -1.24 12.09 -21.42
C SER A 844 -1.23 13.38 -20.59
N VAL A 845 -2.38 14.03 -20.54
CA VAL A 845 -2.51 15.28 -19.76
C VAL A 845 -3.75 15.28 -18.93
N SER A 846 -3.64 15.84 -17.72
CA SER A 846 -4.77 15.91 -16.81
C SER A 846 -5.85 16.80 -17.40
N PRO A 847 -7.08 16.62 -17.00
CA PRO A 847 -8.21 17.39 -17.47
C PRO A 847 -8.04 18.89 -17.28
N ASP A 848 -7.36 19.32 -16.21
CA ASP A 848 -7.15 20.72 -15.94
C ASP A 848 -5.95 21.27 -16.71
N GLY A 849 -5.23 20.42 -17.43
CA GLY A 849 -4.12 20.78 -18.22
C GLY A 849 -2.81 21.04 -17.57
N LYS A 850 -2.67 20.87 -16.28
CA LYS A 850 -1.49 21.17 -15.53
C LYS A 850 -0.50 20.07 -15.38
N ARG A 851 -0.97 18.82 -15.54
CA ARG A 851 -0.06 17.70 -15.27
C ARG A 851 -0.04 16.76 -16.47
N TYR A 852 1.08 16.07 -16.59
CA TYR A 852 1.35 15.13 -17.64
C TYR A 852 1.87 13.79 -17.15
N SER A 853 1.58 12.73 -17.90
CA SER A 853 2.17 11.45 -17.60
C SER A 853 3.66 11.53 -18.00
N ARG A 854 4.35 10.46 -17.71
CA ARG A 854 5.68 10.28 -18.26
C ARG A 854 5.52 10.12 -19.81
N ALA A 855 6.53 10.55 -20.54
CA ALA A 855 6.57 10.48 -21.99
C ALA A 855 7.32 9.23 -22.42
N GLU A 856 6.83 8.52 -23.44
CA GLU A 856 7.52 7.34 -23.93
C GLU A 856 7.57 7.42 -25.48
N LYS A 857 8.62 6.81 -26.04
CA LYS A 857 8.74 6.73 -27.49
C LYS A 857 8.01 5.52 -28.06
N VAL A 858 7.42 5.71 -29.22
CA VAL A 858 6.76 4.53 -29.88
C VAL A 858 7.80 3.67 -30.56
S SO4 B . 18.02 -5.69 15.69
O1 SO4 B . 17.65 -6.87 16.51
O2 SO4 B . 18.32 -4.49 16.56
O3 SO4 B . 17.01 -5.34 14.66
O4 SO4 B . 19.33 -5.98 14.95
S SO4 C . 40.06 -6.59 5.68
O1 SO4 C . 40.12 -5.21 6.19
O2 SO4 C . 40.57 -7.57 6.73
O3 SO4 C . 38.69 -7.04 5.32
O4 SO4 C . 40.95 -6.77 4.47
S SO4 D . -20.08 -2.48 11.06
O1 SO4 D . -20.12 -2.68 12.49
O2 SO4 D . -19.81 -3.74 10.33
O3 SO4 D . -21.50 -2.00 10.64
O4 SO4 D . -19.15 -1.41 10.65
S SO4 E . 22.92 -10.36 8.77
O1 SO4 E . 23.42 -10.19 7.40
O2 SO4 E . 22.95 -9.15 9.63
O3 SO4 E . 21.40 -10.74 8.65
O4 SO4 E . 23.62 -11.47 9.42
#